data_4OLH
#
_entry.id   4OLH
#
_cell.length_a   149.344
_cell.length_b   149.344
_cell.length_c   133.138
_cell.angle_alpha   90.00
_cell.angle_beta   90.00
_cell.angle_gamma   120.00
#
_symmetry.space_group_name_H-M   'P 65'
#
loop_
_entity.id
_entity.type
_entity.pdbx_description
1 polymer 'Glucokinase Regulatory Protein'
2 non-polymer "2-(2-{4-[(6-aminopyridin-3-yl)sulfonyl]piperazin-1-yl}-3,3'-bipyridin-5-yl)-1,1,1,3,3,3-hexafluoropropan-2-ol"
3 non-polymer D-SORBITOL-6-PHOSPHATE
4 non-polymer 'IODIDE ION'
5 non-polymer GLYCEROL
6 non-polymer 'SULFATE ION'
7 water water
#
_entity_poly.entity_id   1
_entity_poly.type   'polypeptide(L)'
_entity_poly.pdbx_seq_one_letter_code
;MAHHHHHHDEVDMPGTKRFQHVIETPEPGKWELSGYEAAVPITEKSNPLTQDLDKADAENIVRLLGQCDAEIFQEEGQAL
STYQRLYSESILTTMVQVAGKVQEVLKEPDGGLVVLSGGGTSGRMAFLMSVSFNQLMKGLGQKPLYTYLIAGGDRSVVAS
REGTEDSALHGIEELKKVAAGKKRVIVIGISVGLSAPFVAGQMDCCMNNTAVFLPVLVGFNPVSMARNDPIEDWSSTFRQ
VAERMQKMQEKQKAFVLNPAIGPEGLSGSSRMKGGSATKILLETLLLAAHKTVDQGIAASQRCLLEILRTFERAHQVTYS
QSPKIATLMKSVSTSLEKKGHVYLVGWQTLGIIAIMDGVECIHTFGADFRDVRGFLIGDHSDMFNQKAELTNQGPQFTFS
QEDFLTSILPSLTEIDTVVFIFTLDDNLTEVQTIVEQVKEKTNHIQALAHSTVGQTLPIPLKKLFPSIISITWPLLFFEY
EGNFIQKFQRELSTKWVLNTVSTGAHVLLGKILQNHMLDLRISNSKLFWRALAMLQRFSGQSKARCIESLLRAIHFPQPL
SDDIRAAPISCHVQVAHEKEQVIPIALLSLLFRCSITEAQAHLAAAPSVCEAVRSALAGPGQKRTADPLEILEPDVQG
;
_entity_poly.pdbx_strand_id   A,B
#
# COMPACT_ATOMS: atom_id res chain seq x y z
N MET A 13 -12.56 17.84 6.40
CA MET A 13 -13.37 18.03 7.64
C MET A 13 -13.20 16.79 8.51
N PRO A 14 -13.40 16.91 9.85
CA PRO A 14 -13.22 15.76 10.74
C PRO A 14 -14.19 14.58 10.45
N GLY A 15 -13.63 13.38 10.33
CA GLY A 15 -14.37 12.21 9.85
C GLY A 15 -14.16 11.92 8.36
N THR A 16 -14.20 12.95 7.52
CA THR A 16 -13.98 12.80 6.09
C THR A 16 -12.93 11.74 5.73
N LYS A 17 -11.76 11.78 6.36
CA LYS A 17 -10.68 10.82 6.06
C LYS A 17 -11.12 9.40 6.36
N ARG A 18 -11.76 9.22 7.51
CA ARG A 18 -12.21 7.91 7.92
C ARG A 18 -13.42 7.41 7.13
N PHE A 19 -14.29 8.29 6.66
CA PHE A 19 -15.58 7.88 6.05
C PHE A 19 -15.74 8.17 4.58
N GLN A 20 -14.65 8.57 3.96
CA GLN A 20 -14.59 9.03 2.56
C GLN A 20 -15.09 7.96 1.63
N HIS A 21 -14.62 6.75 1.89
CA HIS A 21 -14.85 5.63 1.02
C HIS A 21 -16.29 5.09 1.12
N VAL A 22 -17.10 5.52 2.10
CA VAL A 22 -18.43 4.96 2.27
C VAL A 22 -19.29 5.54 1.18
N ILE A 23 -20.00 4.67 0.45
CA ILE A 23 -20.87 5.12 -0.61
C ILE A 23 -22.08 5.77 0.04
N GLU A 24 -22.57 6.87 -0.55
CA GLU A 24 -23.79 7.56 -0.07
C GLU A 24 -24.98 6.66 -0.17
N THR A 25 -26.00 6.94 0.62
CA THR A 25 -27.21 6.14 0.53
C THR A 25 -27.88 6.55 -0.75
N PRO A 26 -28.40 5.59 -1.50
CA PRO A 26 -29.17 5.96 -2.68
C PRO A 26 -30.54 6.48 -2.29
N GLU A 27 -31.16 7.25 -3.18
CA GLU A 27 -32.59 7.64 -3.05
C GLU A 27 -33.44 6.39 -3.28
N PRO A 28 -34.61 6.30 -2.61
CA PRO A 28 -35.33 5.02 -2.69
C PRO A 28 -35.71 4.65 -4.12
N GLY A 29 -35.70 3.36 -4.43
CA GLY A 29 -36.01 2.93 -5.77
C GLY A 29 -34.78 2.93 -6.67
N LYS A 30 -33.80 3.81 -6.43
CA LYS A 30 -32.58 3.75 -7.25
C LYS A 30 -31.33 3.03 -6.64
N TRP A 31 -31.53 2.06 -5.74
CA TRP A 31 -30.41 1.30 -5.16
C TRP A 31 -29.58 0.57 -6.22
N GLU A 32 -30.26 -0.03 -7.19
CA GLU A 32 -29.61 -0.64 -8.37
C GLU A 32 -28.98 0.41 -9.33
N LEU A 33 -29.81 1.31 -9.84
CA LEU A 33 -29.34 2.32 -10.80
C LEU A 33 -28.29 3.32 -10.24
N SER A 34 -28.23 3.48 -8.92
CA SER A 34 -27.12 4.23 -8.31
C SER A 34 -25.78 3.52 -8.46
N GLY A 35 -25.78 2.22 -8.79
CA GLY A 35 -24.55 1.44 -8.78
C GLY A 35 -24.05 1.12 -7.35
N TYR A 36 -24.90 1.27 -6.34
CA TYR A 36 -24.55 0.91 -4.96
C TYR A 36 -24.48 -0.60 -4.88
N GLU A 37 -25.57 -1.26 -5.27
CA GLU A 37 -25.70 -2.72 -5.26
C GLU A 37 -24.52 -3.42 -5.97
N ALA A 38 -24.14 -2.93 -7.14
CA ALA A 38 -22.96 -3.42 -7.85
C ALA A 38 -21.62 -3.23 -7.08
N ALA A 39 -21.57 -2.28 -6.15
CA ALA A 39 -20.39 -2.12 -5.32
C ALA A 39 -20.37 -3.08 -4.11
N VAL A 40 -21.50 -3.73 -3.80
CA VAL A 40 -21.52 -4.65 -2.65
C VAL A 40 -20.85 -5.97 -3.02
N PRO A 41 -19.74 -6.31 -2.36
CA PRO A 41 -19.14 -7.59 -2.76
C PRO A 41 -20.09 -8.73 -2.59
N ILE A 42 -19.89 -9.76 -3.41
CA ILE A 42 -20.78 -10.94 -3.39
C ILE A 42 -20.91 -11.45 -1.98
N THR A 43 -19.81 -11.44 -1.21
CA THR A 43 -19.77 -12.09 0.09
C THR A 43 -20.55 -11.31 1.11
N GLU A 44 -20.76 -10.04 0.83
CA GLU A 44 -21.45 -9.15 1.74
C GLU A 44 -22.91 -8.98 1.46
N LYS A 45 -23.37 -9.45 0.32
CA LYS A 45 -24.75 -9.27 -0.08
C LYS A 45 -25.80 -9.95 0.77
N SER A 46 -27.02 -9.47 0.57
CA SER A 46 -28.25 -10.13 0.99
C SER A 46 -28.56 -11.23 -0.02
N ASN A 47 -28.66 -12.47 0.40
CA ASN A 47 -29.06 -13.51 -0.55
C ASN A 47 -30.57 -13.40 -0.87
N PRO A 48 -30.94 -13.27 -2.16
CA PRO A 48 -32.40 -13.11 -2.48
C PRO A 48 -33.28 -14.34 -2.11
N LEU A 49 -32.69 -15.53 -2.14
CA LEU A 49 -33.40 -16.71 -1.69
C LEU A 49 -33.96 -16.55 -0.27
N THR A 50 -33.27 -15.77 0.56
CA THR A 50 -33.58 -15.75 1.97
C THR A 50 -34.15 -14.45 2.40
N GLN A 51 -34.71 -13.66 1.48
CA GLN A 51 -35.32 -12.34 1.82
C GLN A 51 -36.27 -12.43 3.01
N ASP A 52 -37.00 -13.57 3.07
CA ASP A 52 -38.00 -13.84 4.11
C ASP A 52 -37.58 -14.97 5.03
N LEU A 53 -36.30 -15.14 5.21
CA LEU A 53 -35.84 -16.10 6.18
C LEU A 53 -36.58 -15.95 7.52
N ASP A 54 -36.75 -14.72 7.98
CA ASP A 54 -37.41 -14.43 9.28
C ASP A 54 -38.81 -15.04 9.39
N LYS A 55 -39.54 -15.11 8.26
CA LYS A 55 -40.90 -15.68 8.20
C LYS A 55 -40.99 -17.21 8.03
N ALA A 56 -39.95 -17.84 7.50
CA ALA A 56 -40.01 -19.24 7.16
C ALA A 56 -40.07 -20.13 8.39
N ASP A 57 -40.72 -21.29 8.26
CA ASP A 57 -40.71 -22.33 9.32
C ASP A 57 -39.44 -23.26 9.24
N ALA A 58 -39.26 -24.17 10.19
CA ALA A 58 -38.01 -24.91 10.24
C ALA A 58 -37.71 -25.67 8.96
N GLU A 59 -38.74 -26.29 8.39
CA GLU A 59 -38.60 -27.10 7.17
C GLU A 59 -38.20 -26.22 5.98
N ASN A 60 -38.82 -25.05 5.89
CA ASN A 60 -38.46 -24.10 4.85
C ASN A 60 -36.98 -23.57 5.02
N ILE A 61 -36.62 -23.27 6.24
CA ILE A 61 -35.26 -22.82 6.54
C ILE A 61 -34.24 -23.81 6.10
N VAL A 62 -34.50 -25.09 6.32
CA VAL A 62 -33.56 -26.15 5.88
C VAL A 62 -33.52 -26.23 4.35
N ARG A 63 -34.63 -25.91 3.71
CA ARG A 63 -34.68 -25.89 2.28
C ARG A 63 -33.88 -24.68 1.79
N LEU A 64 -34.21 -23.49 2.28
CA LEU A 64 -33.50 -22.28 1.89
C LEU A 64 -31.97 -22.34 2.16
N LEU A 65 -31.54 -22.89 3.27
CA LEU A 65 -30.08 -22.94 3.52
C LEU A 65 -29.38 -24.03 2.72
N GLY A 66 -30.11 -25.09 2.40
CA GLY A 66 -29.64 -26.12 1.49
C GLY A 66 -29.51 -25.54 0.10
N GLN A 67 -30.51 -24.78 -0.33
CA GLN A 67 -30.42 -24.14 -1.62
C GLN A 67 -29.15 -23.23 -1.63
N CYS A 68 -29.02 -22.37 -0.61
CA CYS A 68 -27.86 -21.48 -0.44
C CYS A 68 -26.54 -22.22 -0.49
N ASP A 69 -26.43 -23.33 0.25
CA ASP A 69 -25.22 -24.18 0.18
C ASP A 69 -24.96 -24.82 -1.18
N ALA A 70 -26.02 -25.09 -1.94
CA ALA A 70 -25.87 -25.76 -3.24
C ALA A 70 -25.18 -24.80 -4.20
N GLU A 71 -25.36 -23.49 -3.97
CA GLU A 71 -24.82 -22.47 -4.85
C GLU A 71 -23.29 -22.60 -4.94
N ILE A 72 -22.68 -23.25 -3.99
CA ILE A 72 -21.23 -23.46 -4.04
C ILE A 72 -20.82 -24.22 -5.29
N PHE A 73 -21.66 -25.16 -5.71
CA PHE A 73 -21.37 -26.09 -6.83
C PHE A 73 -22.04 -25.68 -8.18
N GLN A 74 -22.85 -24.64 -8.14
CA GLN A 74 -23.46 -24.12 -9.32
C GLN A 74 -22.42 -23.60 -10.33
N GLU A 75 -22.70 -23.78 -11.63
CA GLU A 75 -21.74 -23.41 -12.66
C GLU A 75 -21.93 -21.97 -13.16
N GLU A 76 -20.91 -21.49 -13.85
CA GLU A 76 -20.89 -20.18 -14.47
C GLU A 76 -21.86 -20.08 -15.61
N GLY A 77 -22.62 -18.98 -15.65
CA GLY A 77 -23.38 -18.62 -16.85
C GLY A 77 -22.54 -18.17 -18.06
N GLN A 78 -23.20 -17.62 -19.07
CA GLN A 78 -22.55 -17.13 -20.31
C GLN A 78 -22.14 -15.63 -20.25
N SER A 81 -21.12 -11.77 -19.51
CA SER A 81 -20.74 -10.81 -18.45
C SER A 81 -20.97 -11.38 -17.03
N THR A 82 -19.99 -12.11 -16.50
CA THR A 82 -20.21 -12.93 -15.30
C THR A 82 -18.93 -13.37 -14.58
N TYR A 83 -19.09 -13.86 -13.35
CA TYR A 83 -17.96 -14.24 -12.50
C TYR A 83 -17.66 -15.75 -12.41
N GLN A 84 -16.39 -16.08 -12.50
CA GLN A 84 -15.86 -17.42 -12.36
C GLN A 84 -16.34 -18.11 -11.05
N ARG A 85 -16.63 -19.40 -11.18
CA ARG A 85 -17.13 -20.23 -10.13
C ARG A 85 -16.22 -21.46 -9.92
N LEU A 86 -16.59 -22.33 -8.98
CA LEU A 86 -15.69 -23.36 -8.51
C LEU A 86 -15.28 -24.28 -9.67
N TYR A 87 -16.27 -24.64 -10.47
CA TYR A 87 -16.11 -25.44 -11.67
C TYR A 87 -15.63 -24.74 -12.97
N SER A 88 -15.32 -23.44 -12.93
CA SER A 88 -14.93 -22.78 -14.13
C SER A 88 -13.51 -23.22 -14.37
N GLU A 89 -13.11 -23.22 -15.63
CA GLU A 89 -11.81 -23.68 -16.07
C GLU A 89 -10.63 -22.85 -15.50
N SER A 90 -10.81 -21.54 -15.39
CA SER A 90 -9.73 -20.69 -14.86
C SER A 90 -9.45 -21.09 -13.40
N ILE A 91 -10.52 -21.36 -12.67
CA ILE A 91 -10.38 -21.82 -11.28
C ILE A 91 -9.77 -23.21 -11.15
N LEU A 92 -10.19 -24.20 -11.97
CA LEU A 92 -9.59 -25.53 -11.80
C LEU A 92 -8.16 -25.51 -12.24
N THR A 93 -7.86 -24.72 -13.25
CA THR A 93 -6.46 -24.50 -13.71
C THR A 93 -5.59 -23.98 -12.60
N THR A 94 -6.12 -23.03 -11.85
CA THR A 94 -5.36 -22.49 -10.71
C THR A 94 -5.20 -23.51 -9.62
N MET A 95 -6.25 -24.29 -9.39
CA MET A 95 -6.14 -25.37 -8.43
C MET A 95 -5.03 -26.35 -8.86
N VAL A 96 -4.94 -26.60 -10.16
CA VAL A 96 -3.93 -27.53 -10.70
C VAL A 96 -2.53 -26.98 -10.50
N GLN A 97 -2.28 -25.79 -10.99
CA GLN A 97 -0.99 -25.14 -10.80
C GLN A 97 -0.55 -25.10 -9.33
N VAL A 98 -1.47 -24.88 -8.39
CA VAL A 98 -1.13 -24.77 -6.96
C VAL A 98 -0.74 -26.14 -6.41
N ALA A 99 -1.54 -27.13 -6.74
CA ALA A 99 -1.22 -28.52 -6.48
C ALA A 99 0.22 -28.80 -6.89
N GLY A 100 0.59 -28.36 -8.07
CA GLY A 100 1.93 -28.58 -8.55
C GLY A 100 2.93 -27.96 -7.61
N LYS A 101 2.74 -26.68 -7.26
CA LYS A 101 3.71 -25.98 -6.40
C LYS A 101 3.81 -26.69 -5.07
N VAL A 102 2.67 -27.20 -4.56
CA VAL A 102 2.66 -27.98 -3.34
C VAL A 102 3.49 -29.28 -3.57
N GLN A 103 3.30 -29.92 -4.72
CA GLN A 103 4.14 -31.07 -5.05
C GLN A 103 5.64 -30.79 -4.94
N GLU A 104 6.14 -29.70 -5.52
CA GLU A 104 7.57 -29.36 -5.39
C GLU A 104 8.08 -29.42 -3.96
N VAL A 105 7.22 -29.03 -3.00
CA VAL A 105 7.62 -28.93 -1.59
C VAL A 105 7.66 -30.31 -0.97
N LEU A 106 6.58 -31.08 -1.15
CA LEU A 106 6.56 -32.50 -0.80
C LEU A 106 7.77 -33.35 -1.31
N LYS A 107 8.31 -33.03 -2.50
CA LYS A 107 9.51 -33.74 -3.01
C LYS A 107 10.73 -33.34 -2.22
N GLU A 108 10.76 -32.12 -1.70
CA GLU A 108 11.95 -31.59 -1.07
C GLU A 108 11.64 -31.04 0.32
N PRO A 109 11.26 -31.91 1.25
CA PRO A 109 10.74 -31.50 2.54
C PRO A 109 11.75 -30.98 3.56
N ASP A 110 13.03 -30.87 3.19
CA ASP A 110 14.00 -30.30 4.11
C ASP A 110 13.98 -28.79 3.98
N GLY A 111 13.29 -28.13 4.90
CA GLY A 111 13.17 -26.68 4.88
C GLY A 111 11.93 -26.17 4.16
N GLY A 112 11.08 -27.12 3.76
CA GLY A 112 9.81 -26.81 3.15
C GLY A 112 8.81 -26.64 4.26
N LEU A 113 7.77 -25.84 4.05
CA LEU A 113 6.65 -25.76 5.00
C LEU A 113 5.39 -25.26 4.26
N VAL A 114 4.21 -25.67 4.73
CA VAL A 114 2.98 -25.20 4.14
C VAL A 114 2.11 -24.61 5.21
N VAL A 115 1.90 -23.29 5.18
CA VAL A 115 1.09 -22.58 6.22
C VAL A 115 -0.32 -22.27 5.71
N LEU A 116 -1.30 -22.63 6.49
CA LEU A 116 -2.67 -22.25 6.23
C LEU A 116 -3.15 -21.21 7.28
N SER A 117 -3.57 -20.03 6.83
CA SER A 117 -3.75 -18.88 7.72
C SER A 117 -4.99 -18.09 7.45
N GLY A 118 -5.78 -17.86 8.48
CA GLY A 118 -6.94 -16.99 8.38
C GLY A 118 -7.39 -16.51 9.75
N GLY A 119 -8.34 -15.57 9.79
CA GLY A 119 -8.94 -15.10 11.04
C GLY A 119 -10.26 -15.80 11.19
N GLY A 120 -10.76 -15.96 12.43
CA GLY A 120 -12.12 -16.53 12.68
C GLY A 120 -12.25 -17.90 12.04
N THR A 121 -13.37 -18.17 11.36
CA THR A 121 -13.55 -19.48 10.78
C THR A 121 -12.56 -19.85 9.68
N SER A 122 -12.04 -18.89 8.96
CA SER A 122 -11.00 -19.24 8.01
C SER A 122 -9.86 -19.83 8.79
N GLY A 123 -9.60 -19.25 9.98
CA GLY A 123 -8.59 -19.77 10.91
C GLY A 123 -8.89 -21.17 11.47
N ARG A 124 -10.13 -21.38 11.92
CA ARG A 124 -10.56 -22.67 12.32
C ARG A 124 -10.40 -23.73 11.21
N MET A 125 -10.79 -23.36 9.99
CA MET A 125 -10.68 -24.32 8.89
C MET A 125 -9.21 -24.63 8.62
N ALA A 126 -8.37 -23.61 8.77
CA ALA A 126 -6.94 -23.81 8.54
C ALA A 126 -6.39 -24.93 9.45
N PHE A 127 -6.93 -24.95 10.66
CA PHE A 127 -6.47 -25.81 11.72
C PHE A 127 -6.74 -27.26 11.37
N LEU A 128 -8.04 -27.57 11.16
CA LEU A 128 -8.46 -28.89 10.74
C LEU A 128 -7.62 -29.47 9.61
N MET A 129 -7.47 -28.67 8.57
CA MET A 129 -6.81 -29.15 7.39
C MET A 129 -5.35 -29.34 7.65
N SER A 130 -4.73 -28.50 8.47
CA SER A 130 -3.31 -28.75 8.85
C SER A 130 -3.17 -30.10 9.57
N VAL A 131 -4.17 -30.45 10.41
CA VAL A 131 -4.18 -31.69 11.15
C VAL A 131 -4.25 -32.87 10.18
N SER A 132 -5.35 -32.92 9.43
CA SER A 132 -5.57 -33.93 8.40
C SER A 132 -4.37 -34.19 7.52
N PHE A 133 -3.79 -33.16 6.94
CA PHE A 133 -2.69 -33.42 6.04
C PHE A 133 -1.40 -33.79 6.77
N ASN A 134 -1.32 -33.39 8.05
CA ASN A 134 -0.21 -33.83 8.90
C ASN A 134 -0.37 -35.31 9.27
N GLN A 135 -1.59 -35.73 9.59
CA GLN A 135 -1.92 -37.15 9.67
C GLN A 135 -1.51 -37.94 8.39
N LEU A 136 -2.00 -37.50 7.24
CA LEU A 136 -1.73 -38.18 5.99
C LEU A 136 -0.25 -38.49 5.82
N MET A 137 0.61 -37.53 6.10
CA MET A 137 2.06 -37.74 5.86
C MET A 137 2.70 -38.59 6.98
N LYS A 138 2.09 -38.52 8.17
CA LYS A 138 2.48 -39.32 9.32
C LYS A 138 2.21 -40.81 9.01
N GLY A 139 0.95 -41.13 8.70
CA GLY A 139 0.61 -42.46 8.21
C GLY A 139 1.43 -42.99 7.02
N LEU A 140 2.27 -42.17 6.38
CA LEU A 140 3.27 -42.61 5.40
C LEU A 140 4.74 -42.48 5.88
N GLY A 141 4.94 -42.19 7.17
CA GLY A 141 6.29 -42.00 7.72
C GLY A 141 7.07 -40.85 7.12
N GLN A 142 6.36 -39.74 6.85
CA GLN A 142 6.96 -38.46 6.40
C GLN A 142 6.86 -37.43 7.53
N LYS A 143 7.85 -36.54 7.60
CA LYS A 143 7.72 -35.40 8.54
C LYS A 143 6.52 -34.56 8.09
N PRO A 144 5.60 -34.25 9.02
CA PRO A 144 4.50 -33.30 8.80
C PRO A 144 5.02 -31.94 8.34
N LEU A 145 4.54 -31.45 7.19
CA LEU A 145 5.03 -30.19 6.61
C LEU A 145 4.03 -29.06 6.76
N TYR A 146 2.85 -29.37 7.27
CA TYR A 146 1.78 -28.41 7.37
C TYR A 146 1.79 -27.73 8.71
N THR A 147 1.28 -26.50 8.72
CA THR A 147 0.89 -25.86 9.97
C THR A 147 -0.16 -24.77 9.75
N TYR A 148 -0.67 -24.22 10.83
CA TYR A 148 -1.75 -23.25 10.74
C TYR A 148 -1.40 -21.94 11.43
N LEU A 149 -2.24 -20.94 11.19
CA LEU A 149 -2.09 -19.63 11.79
C LEU A 149 -3.46 -19.09 11.93
N ILE A 150 -3.81 -18.69 13.14
CA ILE A 150 -5.08 -18.08 13.40
C ILE A 150 -4.89 -16.72 14.10
N ALA A 151 -5.69 -15.74 13.71
CA ALA A 151 -5.58 -14.43 14.31
C ALA A 151 -5.93 -14.62 15.77
N GLY A 152 -4.96 -14.27 16.62
CA GLY A 152 -5.06 -14.33 18.07
C GLY A 152 -4.40 -15.55 18.67
N GLY A 153 -3.46 -16.16 17.95
CA GLY A 153 -2.84 -17.43 18.34
C GLY A 153 -3.77 -18.62 18.49
N ASP A 154 -3.14 -19.78 18.72
CA ASP A 154 -3.78 -21.11 18.85
C ASP A 154 -5.04 -21.20 19.70
N ARG A 155 -5.16 -20.36 20.73
CA ARG A 155 -6.37 -20.33 21.55
C ARG A 155 -7.60 -19.80 20.78
N SER A 156 -7.36 -19.01 19.72
CA SER A 156 -8.46 -18.49 18.87
C SER A 156 -9.27 -19.61 18.22
N VAL A 157 -8.66 -20.79 18.01
CA VAL A 157 -9.32 -21.98 17.40
C VAL A 157 -10.66 -22.37 18.04
N VAL A 158 -10.80 -22.15 19.36
CA VAL A 158 -11.97 -22.61 20.14
C VAL A 158 -12.67 -21.47 20.91
N ALA A 159 -12.33 -20.23 20.55
CA ALA A 159 -12.82 -19.03 21.22
C ALA A 159 -13.47 -18.08 20.24
N SER A 160 -14.41 -17.28 20.74
CA SER A 160 -14.89 -16.09 20.02
C SER A 160 -13.92 -14.96 20.27
N ARG A 161 -13.25 -14.53 19.21
CA ARG A 161 -12.20 -13.55 19.32
C ARG A 161 -12.19 -12.71 18.04
N GLU A 162 -13.34 -12.14 17.71
CA GLU A 162 -13.50 -11.39 16.45
C GLU A 162 -12.52 -10.19 16.32
N GLY A 163 -12.03 -9.63 17.43
CA GLY A 163 -11.19 -8.42 17.42
C GLY A 163 -9.79 -8.51 16.88
N THR A 164 -9.26 -9.71 16.78
CA THR A 164 -7.82 -9.93 16.47
C THR A 164 -7.36 -9.91 14.98
N GLU A 165 -8.30 -9.90 14.05
CA GLU A 165 -7.97 -9.95 12.62
C GLU A 165 -7.56 -8.59 11.98
N ASP A 166 -7.57 -7.49 12.77
CA ASP A 166 -7.45 -6.11 12.20
C ASP A 166 -6.03 -5.59 12.20
N SER A 167 -5.08 -6.40 12.67
CA SER A 167 -3.67 -6.01 12.58
C SER A 167 -2.93 -6.85 11.58
N ALA A 168 -2.31 -6.18 10.60
CA ALA A 168 -1.43 -6.76 9.62
C ALA A 168 -0.04 -7.05 10.18
N LEU A 169 0.43 -6.23 11.12
CA LEU A 169 1.76 -6.47 11.70
C LEU A 169 1.71 -7.71 12.55
N HIS A 170 0.63 -7.91 13.30
CA HIS A 170 0.43 -9.16 14.00
C HIS A 170 0.52 -10.36 13.02
N GLY A 171 -0.27 -10.32 11.94
CA GLY A 171 -0.32 -11.44 10.98
C GLY A 171 1.05 -11.77 10.46
N ILE A 172 1.83 -10.75 10.16
CA ILE A 172 3.19 -10.92 9.68
C ILE A 172 4.09 -11.51 10.77
N GLU A 173 3.98 -10.99 12.00
CA GLU A 173 4.73 -11.53 13.14
C GLU A 173 4.52 -13.06 13.29
N GLU A 174 3.26 -13.49 13.40
CA GLU A 174 2.93 -14.90 13.51
C GLU A 174 3.49 -15.71 12.35
N LEU A 175 3.54 -15.12 11.16
CA LEU A 175 4.13 -15.76 10.02
C LEU A 175 5.67 -15.83 10.11
N LYS A 176 6.33 -14.79 10.63
CA LYS A 176 7.80 -14.83 10.78
C LYS A 176 8.19 -15.91 11.79
N LYS A 177 7.42 -16.04 12.87
CA LYS A 177 7.70 -17.03 13.90
C LYS A 177 7.77 -18.42 13.28
N VAL A 178 6.69 -18.79 12.61
CA VAL A 178 6.46 -20.15 12.15
C VAL A 178 7.35 -20.55 10.97
N ALA A 179 7.83 -19.56 10.21
CA ALA A 179 8.69 -19.77 9.05
C ALA A 179 10.17 -19.49 9.29
N ALA A 180 10.57 -19.36 10.57
CA ALA A 180 11.89 -19.74 11.12
C ALA A 180 13.10 -19.56 10.20
N GLY A 181 13.76 -20.65 9.84
CA GLY A 181 14.85 -20.62 8.88
C GLY A 181 14.54 -21.67 7.82
N LYS A 182 13.25 -21.77 7.48
CA LYS A 182 12.80 -22.61 6.37
C LYS A 182 13.30 -21.97 5.06
N LYS A 183 13.43 -22.77 4.02
CA LYS A 183 13.95 -22.27 2.75
C LYS A 183 12.88 -22.10 1.67
N ARG A 184 11.70 -22.67 1.91
CA ARG A 184 10.61 -22.77 0.92
C ARG A 184 9.26 -22.84 1.66
N VAL A 185 8.45 -21.79 1.58
CA VAL A 185 7.19 -21.75 2.32
C VAL A 185 5.96 -21.43 1.46
N ILE A 186 4.88 -22.17 1.67
CA ILE A 186 3.67 -21.92 0.95
C ILE A 186 2.68 -21.39 1.95
N VAL A 187 2.26 -20.15 1.71
CA VAL A 187 1.33 -19.46 2.61
C VAL A 187 -0.01 -19.33 1.92
N ILE A 188 -0.93 -20.16 2.40
CA ILE A 188 -2.29 -20.12 1.96
C ILE A 188 -3.10 -19.21 2.87
N GLY A 189 -3.27 -17.98 2.40
CA GLY A 189 -4.00 -16.98 3.15
C GLY A 189 -5.48 -17.06 2.89
N ILE A 190 -6.26 -17.35 3.89
CA ILE A 190 -7.67 -17.55 3.69
C ILE A 190 -8.46 -16.39 4.26
N SER A 191 -9.22 -15.71 3.41
CA SER A 191 -10.11 -14.63 3.83
C SER A 191 -11.29 -14.57 2.90
N VAL A 192 -12.42 -15.08 3.38
CA VAL A 192 -13.54 -15.29 2.55
C VAL A 192 -13.90 -14.05 1.82
N GLY A 193 -13.99 -12.94 2.56
CA GLY A 193 -14.36 -11.70 2.00
C GLY A 193 -13.20 -11.01 1.31
N LEU A 194 -12.01 -11.60 1.32
CA LEU A 194 -10.77 -10.93 0.83
C LEU A 194 -10.69 -9.57 1.60
N SER A 195 -10.63 -9.72 2.91
CA SER A 195 -10.97 -8.67 3.84
C SER A 195 -10.00 -8.49 5.01
N ALA A 196 -9.38 -9.58 5.50
CA ALA A 196 -8.76 -9.57 6.83
C ALA A 196 -7.37 -8.96 6.77
N PRO A 197 -7.14 -7.86 7.53
CA PRO A 197 -5.82 -7.25 7.58
C PRO A 197 -4.72 -8.21 8.02
N PHE A 198 -5.06 -9.15 8.89
CA PHE A 198 -4.19 -10.27 9.27
C PHE A 198 -3.60 -10.99 8.04
N VAL A 199 -4.43 -11.36 7.06
CA VAL A 199 -3.94 -12.09 5.87
C VAL A 199 -3.22 -11.15 4.93
N ALA A 200 -3.77 -9.97 4.74
CA ALA A 200 -3.20 -9.03 3.78
C ALA A 200 -1.73 -8.78 4.07
N GLY A 201 -1.41 -8.53 5.32
CA GLY A 201 0.02 -8.39 5.67
C GLY A 201 0.89 -9.60 5.36
N GLN A 202 0.45 -10.78 5.78
CA GLN A 202 1.06 -12.08 5.38
C GLN A 202 1.30 -12.16 3.86
N MET A 203 0.28 -11.86 3.06
CA MET A 203 0.42 -11.99 1.60
C MET A 203 1.41 -11.01 1.05
N ASP A 204 1.41 -9.81 1.60
CA ASP A 204 2.30 -8.75 1.12
C ASP A 204 3.77 -9.09 1.44
N CYS A 205 4.06 -9.42 2.69
CA CYS A 205 5.37 -9.91 3.11
C CYS A 205 5.85 -11.05 2.15
N CYS A 206 5.02 -12.07 1.94
CA CYS A 206 5.35 -13.12 0.95
C CYS A 206 5.86 -12.53 -0.33
N MET A 207 5.14 -11.59 -0.90
CA MET A 207 5.56 -11.01 -2.19
C MET A 207 6.85 -10.22 -2.09
N ASN A 208 7.20 -9.76 -0.90
CA ASN A 208 8.45 -9.05 -0.71
C ASN A 208 9.65 -10.00 -0.53
N ASN A 209 9.42 -11.32 -0.48
CA ASN A 209 10.51 -12.31 -0.36
C ASN A 209 10.13 -13.64 -1.03
N THR A 210 10.27 -13.62 -2.33
CA THR A 210 9.68 -14.61 -3.18
C THR A 210 10.65 -15.80 -3.39
N ALA A 211 11.93 -15.52 -3.21
CA ALA A 211 12.98 -16.55 -3.04
C ALA A 211 12.58 -17.62 -2.01
N VAL A 212 11.84 -17.25 -0.97
CA VAL A 212 11.37 -18.17 0.07
C VAL A 212 9.87 -18.47 0.03
N PHE A 213 9.06 -17.44 -0.20
CA PHE A 213 7.64 -17.50 0.06
C PHE A 213 6.81 -17.66 -1.20
N LEU A 214 5.79 -18.49 -1.14
CA LEU A 214 4.77 -18.53 -2.21
C LEU A 214 3.38 -18.30 -1.59
N PRO A 215 2.84 -17.08 -1.78
CA PRO A 215 1.55 -16.75 -1.24
C PRO A 215 0.44 -17.20 -2.16
N VAL A 216 -0.58 -17.82 -1.58
CA VAL A 216 -1.73 -18.28 -2.29
C VAL A 216 -2.91 -17.77 -1.50
N LEU A 217 -3.69 -16.88 -2.10
CA LEU A 217 -4.82 -16.24 -1.45
C LEU A 217 -6.13 -16.95 -1.82
N VAL A 218 -6.93 -17.31 -0.80
CA VAL A 218 -8.19 -17.96 -0.98
C VAL A 218 -9.30 -17.15 -0.38
N GLY A 219 -10.40 -17.02 -1.13
CA GLY A 219 -11.54 -16.18 -0.74
C GLY A 219 -12.54 -16.19 -1.88
N PHE A 220 -13.65 -15.51 -1.75
CA PHE A 220 -14.78 -15.77 -2.65
C PHE A 220 -15.43 -14.51 -3.24
N ASN A 221 -14.57 -13.48 -3.45
CA ASN A 221 -14.95 -12.29 -4.19
C ASN A 221 -13.97 -12.11 -5.34
N PRO A 222 -14.43 -11.48 -6.44
CA PRO A 222 -13.48 -11.02 -7.43
C PRO A 222 -12.48 -10.09 -6.80
N VAL A 223 -11.30 -10.08 -7.33
CA VAL A 223 -10.32 -9.17 -6.82
C VAL A 223 -10.79 -7.71 -6.82
N SER A 224 -11.60 -7.35 -7.79
CA SER A 224 -12.08 -5.98 -7.91
C SER A 224 -13.06 -5.63 -6.81
N MET A 225 -13.68 -6.61 -6.15
CA MET A 225 -14.50 -6.33 -4.99
C MET A 225 -13.76 -6.59 -3.67
N ALA A 226 -12.44 -6.80 -3.72
CA ALA A 226 -11.64 -6.97 -2.51
C ALA A 226 -11.70 -5.74 -1.65
N ARG A 227 -11.64 -5.90 -0.34
CA ARG A 227 -11.70 -4.77 0.61
C ARG A 227 -10.64 -3.70 0.32
N ASN A 228 -11.06 -2.43 0.40
CA ASN A 228 -10.25 -1.29 0.00
C ASN A 228 -10.23 -0.12 0.96
N ASP A 229 -10.77 -0.23 2.16
CA ASP A 229 -10.59 0.83 3.18
C ASP A 229 -9.25 0.61 3.88
N PRO A 230 -8.57 1.70 4.26
CA PRO A 230 -7.28 1.62 4.96
C PRO A 230 -7.21 0.68 6.19
N ILE A 231 -6.06 0.05 6.36
CA ILE A 231 -5.75 -0.79 7.48
C ILE A 231 -4.91 0.10 8.34
N GLU A 232 -5.17 0.07 9.64
CA GLU A 232 -4.55 1.00 10.57
C GLU A 232 -3.02 0.93 10.66
N ASP A 233 -2.48 -0.28 10.74
CA ASP A 233 -1.02 -0.48 10.88
C ASP A 233 -0.33 -0.89 9.57
N TRP A 234 -0.91 -0.54 8.43
CA TRP A 234 -0.36 -1.00 7.14
C TRP A 234 -0.79 0.01 6.06
N SER A 235 0.03 0.17 5.03
CA SER A 235 -0.14 1.22 4.04
C SER A 235 -0.95 0.80 2.81
N SER A 236 -0.83 -0.46 2.37
CA SER A 236 -1.61 -0.99 1.25
C SER A 236 -2.96 -1.47 1.72
N THR A 237 -3.88 -1.71 0.81
CA THR A 237 -5.19 -2.28 1.15
C THR A 237 -5.31 -3.75 0.70
N PHE A 238 -6.27 -4.49 1.23
CA PHE A 238 -6.42 -5.86 0.75
C PHE A 238 -6.48 -5.88 -0.81
N ARG A 239 -7.29 -5.01 -1.38
CA ARG A 239 -7.42 -4.94 -2.85
C ARG A 239 -6.10 -4.75 -3.55
N GLN A 240 -5.22 -3.90 -3.03
CA GLN A 240 -3.95 -3.70 -3.68
C GLN A 240 -3.10 -4.93 -3.66
N VAL A 241 -3.12 -5.58 -2.49
CA VAL A 241 -2.30 -6.73 -2.24
C VAL A 241 -2.78 -7.82 -3.17
N ALA A 242 -4.08 -8.07 -3.19
CA ALA A 242 -4.63 -9.05 -4.08
C ALA A 242 -4.42 -8.74 -5.54
N GLU A 243 -4.52 -7.47 -5.94
CA GLU A 243 -4.38 -7.13 -7.36
C GLU A 243 -2.95 -7.44 -7.82
N ARG A 244 -1.98 -7.26 -6.92
CA ARG A 244 -0.57 -7.42 -7.25
C ARG A 244 -0.18 -8.89 -7.26
N MET A 245 -0.85 -9.68 -6.40
CA MET A 245 -0.76 -11.13 -6.42
C MET A 245 -1.32 -11.72 -7.73
N GLN A 246 -2.37 -11.12 -8.27
CA GLN A 246 -2.90 -11.59 -9.54
C GLN A 246 -1.97 -11.32 -10.73
N LYS A 247 -1.30 -10.18 -10.73
CA LYS A 247 -0.27 -9.95 -11.73
C LYS A 247 0.84 -11.00 -11.63
N MET A 248 1.33 -11.29 -10.42
CA MET A 248 2.42 -12.29 -10.27
C MET A 248 2.03 -13.68 -10.70
N GLN A 249 0.73 -13.98 -10.78
CA GLN A 249 0.27 -15.30 -11.12
C GLN A 249 0.71 -15.69 -12.53
N GLU A 250 0.76 -14.72 -13.45
CA GLU A 250 1.30 -15.01 -14.79
C GLU A 250 2.64 -15.72 -14.67
N LYS A 251 3.60 -15.08 -14.02
CA LYS A 251 4.92 -15.64 -13.76
C LYS A 251 4.87 -16.78 -12.72
N GLN A 252 3.69 -17.16 -12.22
CA GLN A 252 3.53 -18.32 -11.31
C GLN A 252 4.22 -18.19 -9.93
N LYS A 253 4.34 -16.96 -9.46
CA LYS A 253 4.95 -16.68 -8.17
C LYS A 253 3.96 -16.21 -7.11
N ALA A 254 2.69 -16.03 -7.50
CA ALA A 254 1.57 -15.89 -6.54
C ALA A 254 0.36 -16.54 -7.15
N PHE A 255 -0.64 -16.87 -6.34
CA PHE A 255 -1.88 -17.39 -6.85
C PHE A 255 -3.05 -16.84 -6.08
N VAL A 256 -4.13 -16.59 -6.81
CA VAL A 256 -5.38 -16.16 -6.21
C VAL A 256 -6.43 -17.15 -6.60
N LEU A 257 -7.05 -17.77 -5.63
CA LEU A 257 -8.07 -18.76 -5.85
C LEU A 257 -9.37 -18.22 -5.30
N ASN A 258 -10.18 -17.62 -6.16
CA ASN A 258 -11.34 -16.87 -5.74
C ASN A 258 -12.63 -17.06 -6.52
N PRO A 259 -13.17 -18.29 -6.50
CA PRO A 259 -14.48 -18.52 -7.10
C PRO A 259 -15.59 -17.80 -6.38
N ALA A 260 -16.61 -17.30 -7.10
CA ALA A 260 -17.87 -16.88 -6.48
C ALA A 260 -18.66 -18.10 -6.04
N ILE A 261 -19.31 -18.03 -4.90
CA ILE A 261 -20.21 -19.08 -4.44
C ILE A 261 -21.54 -18.50 -4.05
N GLY A 262 -21.70 -17.17 -4.23
CA GLY A 262 -22.94 -16.47 -3.92
C GLY A 262 -23.09 -16.09 -2.45
N PRO A 263 -23.99 -15.15 -2.14
CA PRO A 263 -24.06 -14.62 -0.79
C PRO A 263 -24.47 -15.68 0.20
N GLU A 264 -24.16 -15.41 1.47
CA GLU A 264 -24.55 -16.27 2.57
C GLU A 264 -26.04 -16.07 2.87
N GLY A 265 -26.69 -17.12 3.35
CA GLY A 265 -28.12 -17.10 3.67
C GLY A 265 -28.45 -16.11 4.79
N LEU A 266 -27.56 -16.03 5.78
CA LEU A 266 -27.50 -14.88 6.73
C LEU A 266 -26.40 -13.92 6.24
N SER A 267 -26.75 -12.70 5.79
CA SER A 267 -25.77 -11.81 5.14
C SER A 267 -24.50 -11.67 5.95
N GLY A 268 -23.37 -11.91 5.29
CA GLY A 268 -22.08 -11.75 5.88
C GLY A 268 -21.73 -12.88 6.80
N SER A 269 -22.55 -13.92 6.88
CA SER A 269 -22.17 -15.00 7.79
C SER A 269 -21.19 -15.97 7.13
N SER A 270 -19.98 -15.50 6.86
CA SER A 270 -19.03 -16.30 6.10
C SER A 270 -18.58 -17.59 6.84
N ARG A 271 -19.05 -17.81 8.07
CA ARG A 271 -18.69 -19.05 8.72
C ARG A 271 -19.27 -20.25 7.95
N MET A 272 -20.35 -20.01 7.24
CA MET A 272 -21.15 -21.04 6.58
C MET A 272 -20.63 -21.43 5.22
N LYS A 273 -21.23 -20.90 4.14
CA LYS A 273 -20.74 -21.27 2.83
C LYS A 273 -19.24 -21.00 2.69
N GLY A 274 -18.76 -19.85 3.19
CA GLY A 274 -17.36 -19.56 3.07
C GLY A 274 -16.44 -20.61 3.71
N GLY A 275 -16.84 -21.03 4.93
CA GLY A 275 -16.06 -22.09 5.63
C GLY A 275 -16.11 -23.42 4.87
N SER A 276 -17.32 -23.80 4.43
CA SER A 276 -17.48 -25.00 3.62
C SER A 276 -16.67 -24.95 2.34
N ALA A 277 -16.80 -23.85 1.61
CA ALA A 277 -16.08 -23.71 0.35
C ALA A 277 -14.59 -23.74 0.56
N THR A 278 -14.13 -23.22 1.71
CA THR A 278 -12.72 -23.21 1.99
C THR A 278 -12.24 -24.67 2.08
N LYS A 279 -12.98 -25.54 2.78
CA LYS A 279 -12.61 -26.98 2.94
C LYS A 279 -12.62 -27.65 1.59
N ILE A 280 -13.75 -27.52 0.93
CA ILE A 280 -14.00 -28.18 -0.33
C ILE A 280 -12.83 -27.82 -1.21
N LEU A 281 -12.57 -26.53 -1.31
CA LEU A 281 -11.57 -26.08 -2.25
C LEU A 281 -10.17 -26.58 -1.89
N LEU A 282 -9.81 -26.47 -0.61
CA LEU A 282 -8.44 -26.77 -0.19
C LEU A 282 -8.15 -28.26 0.04
N GLU A 283 -9.07 -28.98 0.68
CA GLU A 283 -8.96 -30.45 0.76
C GLU A 283 -8.76 -31.05 -0.64
N THR A 284 -9.73 -30.82 -1.52
CA THR A 284 -9.66 -31.20 -2.93
C THR A 284 -8.28 -31.07 -3.53
N LEU A 285 -7.73 -29.88 -3.45
CA LEU A 285 -6.46 -29.58 -4.14
C LEU A 285 -5.23 -30.21 -3.46
N LEU A 286 -5.26 -30.27 -2.13
CA LEU A 286 -4.15 -30.85 -1.41
C LEU A 286 -4.18 -32.43 -1.50
N LEU A 287 -5.34 -33.05 -1.28
CA LEU A 287 -5.51 -34.49 -1.55
C LEU A 287 -5.01 -34.83 -2.96
N ALA A 288 -5.40 -34.05 -3.95
CA ALA A 288 -4.87 -34.31 -5.30
C ALA A 288 -3.34 -34.28 -5.39
N ALA A 289 -2.77 -33.30 -4.72
CA ALA A 289 -1.32 -33.10 -4.83
C ALA A 289 -0.59 -34.30 -4.20
N HIS A 290 -1.03 -34.72 -3.02
CA HIS A 290 -0.44 -35.87 -2.35
C HIS A 290 -0.64 -37.13 -3.20
N LYS A 291 -1.90 -37.49 -3.42
CA LYS A 291 -2.23 -38.75 -4.05
C LYS A 291 -1.55 -38.90 -5.43
N THR A 292 -1.34 -37.80 -6.14
CA THR A 292 -0.60 -37.85 -7.41
C THR A 292 0.94 -37.71 -7.36
N VAL A 293 1.57 -37.34 -6.24
CA VAL A 293 3.07 -37.39 -6.22
C VAL A 293 3.67 -38.79 -6.15
N ASP A 294 3.01 -39.69 -5.44
CA ASP A 294 3.54 -41.07 -5.34
C ASP A 294 3.02 -41.93 -6.47
N GLN A 295 2.03 -41.43 -7.25
CA GLN A 295 1.68 -42.05 -8.55
C GLN A 295 2.65 -41.58 -9.65
N GLY A 296 3.50 -40.60 -9.34
CA GLY A 296 4.42 -40.04 -10.33
C GLY A 296 3.72 -39.35 -11.48
N ILE A 297 2.50 -38.86 -11.23
CA ILE A 297 1.66 -38.15 -12.22
C ILE A 297 1.35 -36.71 -11.74
N ALA A 298 1.47 -35.72 -12.64
CA ALA A 298 0.97 -34.37 -12.35
C ALA A 298 -0.49 -34.43 -11.97
N ALA A 299 -0.90 -33.54 -11.08
CA ALA A 299 -2.32 -33.37 -10.80
C ALA A 299 -2.96 -32.72 -12.03
N SER A 300 -4.19 -33.13 -12.32
CA SER A 300 -4.85 -32.78 -13.58
C SER A 300 -6.25 -32.38 -13.18
N GLN A 301 -6.97 -31.66 -14.05
CA GLN A 301 -8.36 -31.23 -13.74
C GLN A 301 -9.19 -32.42 -13.32
N ARG A 302 -8.93 -33.54 -14.00
CA ARG A 302 -9.66 -34.79 -13.78
C ARG A 302 -9.53 -35.35 -12.37
N CYS A 303 -8.38 -35.20 -11.72
CA CYS A 303 -8.27 -35.67 -10.31
C CYS A 303 -9.10 -34.78 -9.40
N LEU A 304 -8.98 -33.48 -9.60
CA LEU A 304 -9.73 -32.51 -8.83
C LEU A 304 -11.23 -32.79 -8.93
N LEU A 305 -11.70 -32.92 -10.17
CA LEU A 305 -13.14 -33.10 -10.43
C LEU A 305 -13.75 -34.23 -9.70
N GLU A 306 -13.03 -35.35 -9.67
CA GLU A 306 -13.48 -36.55 -8.94
C GLU A 306 -13.84 -36.19 -7.51
N ILE A 307 -12.88 -35.58 -6.81
CA ILE A 307 -13.11 -35.08 -5.42
C ILE A 307 -14.26 -34.05 -5.30
N LEU A 308 -14.32 -33.08 -6.21
CA LEU A 308 -15.38 -32.08 -6.12
C LEU A 308 -16.73 -32.73 -6.28
N ARG A 309 -16.85 -33.64 -7.25
CA ARG A 309 -18.18 -34.25 -7.53
C ARG A 309 -18.64 -35.06 -6.33
N THR A 310 -17.66 -35.69 -5.68
CA THR A 310 -17.91 -36.35 -4.44
C THR A 310 -18.43 -35.36 -3.40
N PHE A 311 -17.71 -34.24 -3.20
CA PHE A 311 -18.19 -33.22 -2.24
C PHE A 311 -19.59 -32.75 -2.61
N GLU A 312 -19.91 -32.74 -3.91
CA GLU A 312 -21.20 -32.24 -4.38
C GLU A 312 -22.30 -33.28 -4.10
N ARG A 313 -21.91 -34.56 -4.19
CA ARG A 313 -22.81 -35.67 -3.79
C ARG A 313 -23.14 -35.54 -2.32
N ALA A 314 -22.08 -35.30 -1.54
CA ALA A 314 -22.24 -35.06 -0.09
C ALA A 314 -23.30 -34.03 0.31
N HIS A 315 -23.48 -32.97 -0.48
CA HIS A 315 -24.61 -32.02 -0.21
C HIS A 315 -25.95 -32.67 -0.45
N GLN A 316 -26.04 -33.50 -1.49
CA GLN A 316 -27.30 -34.16 -1.83
C GLN A 316 -27.68 -35.21 -0.79
N VAL A 317 -26.73 -36.09 -0.51
CA VAL A 317 -26.84 -37.03 0.60
C VAL A 317 -27.24 -36.31 1.91
N THR A 318 -26.47 -35.28 2.28
CA THR A 318 -26.70 -34.56 3.54
C THR A 318 -28.13 -34.02 3.63
N TYR A 319 -28.55 -33.23 2.66
CA TYR A 319 -29.85 -32.60 2.73
C TYR A 319 -31.01 -33.52 2.33
N SER A 320 -30.72 -34.75 1.93
CA SER A 320 -31.81 -35.75 1.76
C SER A 320 -32.34 -36.14 3.13
N GLN A 321 -31.57 -35.83 4.18
CA GLN A 321 -32.05 -35.99 5.55
C GLN A 321 -32.71 -34.73 6.08
N SER A 322 -33.31 -33.93 5.20
CA SER A 322 -33.80 -32.58 5.60
C SER A 322 -34.86 -32.52 6.72
N PRO A 323 -35.91 -33.36 6.63
CA PRO A 323 -36.92 -33.38 7.70
C PRO A 323 -36.33 -33.72 9.09
N LYS A 324 -35.44 -34.70 9.15
CA LYS A 324 -34.79 -35.01 10.42
C LYS A 324 -33.96 -33.79 10.86
N ILE A 325 -33.33 -33.11 9.92
CA ILE A 325 -32.57 -31.89 10.25
C ILE A 325 -33.50 -30.82 10.79
N ALA A 326 -34.60 -30.57 10.10
CA ALA A 326 -35.59 -29.62 10.56
C ALA A 326 -36.02 -29.83 12.01
N THR A 327 -36.15 -31.11 12.44
CA THR A 327 -36.57 -31.46 13.80
C THR A 327 -35.53 -31.01 14.79
N LEU A 328 -34.30 -31.51 14.61
CA LEU A 328 -33.21 -31.19 15.53
C LEU A 328 -33.11 -29.68 15.71
N MET A 329 -33.32 -28.96 14.62
CA MET A 329 -33.50 -27.51 14.70
C MET A 329 -34.61 -27.14 15.69
N LYS A 330 -35.85 -27.60 15.44
CA LYS A 330 -37.01 -27.29 16.32
C LYS A 330 -36.73 -27.60 17.82
N SER A 331 -36.13 -28.74 18.09
CA SER A 331 -35.76 -29.10 19.46
C SER A 331 -34.68 -28.17 20.03
N VAL A 332 -33.64 -27.86 19.24
CA VAL A 332 -32.62 -26.90 19.66
C VAL A 332 -33.23 -25.52 19.94
N SER A 333 -34.18 -25.12 19.12
CA SER A 333 -34.85 -23.85 19.26
C SER A 333 -35.78 -23.81 20.48
N THR A 334 -36.47 -24.94 20.74
CA THR A 334 -37.37 -25.06 21.92
C THR A 334 -36.59 -24.81 23.21
N SER A 335 -35.52 -25.58 23.41
CA SER A 335 -34.67 -25.49 24.59
C SER A 335 -34.04 -24.11 24.87
N LEU A 336 -33.89 -23.28 23.85
CA LEU A 336 -33.35 -21.91 23.98
C LEU A 336 -34.48 -20.91 24.19
N GLU A 337 -35.65 -21.26 23.68
CA GLU A 337 -36.87 -20.48 23.89
C GLU A 337 -37.18 -20.48 25.36
N LYS A 338 -37.18 -21.67 25.96
CA LYS A 338 -37.32 -21.79 27.43
C LYS A 338 -36.11 -21.07 28.00
N LYS A 339 -35.20 -21.72 28.72
CA LYS A 339 -33.94 -21.03 29.00
C LYS A 339 -32.82 -22.03 29.14
N GLY A 340 -32.93 -23.09 28.35
CA GLY A 340 -32.08 -24.24 28.48
C GLY A 340 -30.71 -24.08 27.87
N HIS A 341 -30.14 -25.22 27.51
CA HIS A 341 -28.80 -25.26 26.98
C HIS A 341 -28.78 -26.41 25.98
N VAL A 342 -27.74 -26.44 25.13
CA VAL A 342 -27.60 -27.43 24.06
C VAL A 342 -26.15 -27.92 23.91
N TYR A 343 -26.02 -29.22 23.89
CA TYR A 343 -24.73 -29.81 23.99
C TYR A 343 -24.53 -30.60 22.70
N LEU A 344 -23.31 -30.56 22.19
CA LEU A 344 -23.01 -31.17 20.94
C LEU A 344 -21.80 -32.00 21.25
N VAL A 345 -22.04 -33.30 21.33
CA VAL A 345 -21.07 -34.24 21.86
C VAL A 345 -20.64 -35.09 20.69
N GLY A 346 -19.34 -35.07 20.39
CA GLY A 346 -18.86 -35.70 19.17
C GLY A 346 -17.45 -36.24 19.25
N TRP A 347 -17.14 -37.21 18.40
CA TRP A 347 -15.91 -37.95 18.60
C TRP A 347 -14.93 -37.56 17.54
N GLN A 348 -13.66 -37.51 17.93
CA GLN A 348 -12.61 -37.05 17.06
C GLN A 348 -13.00 -35.76 16.34
N THR A 349 -12.35 -35.50 15.21
CA THR A 349 -12.68 -34.45 14.27
C THR A 349 -14.08 -33.89 14.38
N LEU A 350 -15.09 -34.73 14.44
CA LEU A 350 -16.45 -34.22 14.44
C LEU A 350 -16.89 -33.58 15.75
N GLY A 351 -16.16 -33.84 16.84
CA GLY A 351 -16.39 -33.11 18.08
C GLY A 351 -15.93 -31.68 17.90
N ILE A 352 -14.72 -31.52 17.36
CA ILE A 352 -14.15 -30.24 16.95
C ILE A 352 -15.12 -29.42 16.14
N ILE A 353 -15.53 -29.91 14.97
CA ILE A 353 -16.61 -29.25 14.20
C ILE A 353 -17.69 -28.81 15.17
N ALA A 354 -18.01 -29.65 16.17
CA ALA A 354 -19.11 -29.34 17.10
C ALA A 354 -18.80 -28.12 17.98
N ILE A 355 -17.58 -28.11 18.49
CA ILE A 355 -17.07 -27.02 19.30
C ILE A 355 -17.14 -25.74 18.48
N MET A 356 -16.60 -25.83 17.27
CA MET A 356 -16.54 -24.68 16.42
C MET A 356 -17.91 -24.15 16.15
N ASP A 357 -18.93 -25.00 15.96
CA ASP A 357 -20.22 -24.42 15.68
C ASP A 357 -20.71 -23.66 16.86
N GLY A 358 -20.52 -24.22 18.05
CA GLY A 358 -21.07 -23.67 19.30
C GLY A 358 -20.47 -22.33 19.66
N VAL A 359 -19.14 -22.30 19.67
CA VAL A 359 -18.35 -21.08 19.79
C VAL A 359 -18.72 -19.96 18.80
N GLU A 360 -19.03 -20.34 17.55
CA GLU A 360 -19.44 -19.36 16.56
C GLU A 360 -20.80 -18.77 16.86
N CYS A 361 -21.64 -19.48 17.59
CA CYS A 361 -22.96 -18.90 17.96
C CYS A 361 -22.83 -17.67 18.87
N ILE A 362 -21.71 -17.56 19.57
CA ILE A 362 -21.51 -16.46 20.52
C ILE A 362 -21.48 -15.14 19.74
N HIS A 363 -20.54 -14.98 18.81
CA HIS A 363 -20.44 -13.71 18.10
C HIS A 363 -21.54 -13.54 17.10
N THR A 364 -21.88 -14.60 16.39
CA THR A 364 -22.86 -14.49 15.34
C THR A 364 -24.22 -14.10 15.88
N PHE A 365 -24.63 -14.69 17.01
CA PHE A 365 -25.98 -14.45 17.54
C PHE A 365 -26.06 -13.72 18.91
N GLY A 366 -24.90 -13.32 19.43
CA GLY A 366 -24.87 -12.65 20.69
C GLY A 366 -25.48 -13.57 21.71
N ALA A 367 -24.99 -14.82 21.68
CA ALA A 367 -25.50 -15.89 22.52
C ALA A 367 -24.43 -16.22 23.50
N ASP A 368 -24.86 -16.77 24.62
CA ASP A 368 -23.98 -17.09 25.75
C ASP A 368 -23.29 -18.41 25.44
N PHE A 369 -22.04 -18.56 25.85
CA PHE A 369 -21.26 -19.80 25.67
C PHE A 369 -21.97 -21.12 26.09
N ARG A 370 -22.99 -21.01 26.93
CA ARG A 370 -23.72 -22.19 27.38
C ARG A 370 -24.78 -22.57 26.35
N ASP A 371 -25.25 -21.58 25.60
CA ASP A 371 -26.45 -21.75 24.76
C ASP A 371 -26.33 -22.90 23.72
N VAL A 372 -25.25 -22.90 22.96
CA VAL A 372 -24.92 -24.04 22.13
C VAL A 372 -23.45 -24.31 22.41
N ARG A 373 -23.18 -25.44 23.11
CA ARG A 373 -21.84 -25.79 23.55
C ARG A 373 -21.37 -27.02 22.78
N GLY A 374 -20.06 -27.09 22.49
CA GLY A 374 -19.49 -28.26 21.84
C GLY A 374 -18.55 -29.00 22.77
N PHE A 375 -18.51 -30.33 22.60
CA PHE A 375 -17.67 -31.19 23.43
C PHE A 375 -17.03 -32.31 22.60
N LEU A 376 -15.73 -32.53 22.78
CA LEU A 376 -14.98 -33.64 22.14
C LEU A 376 -14.66 -34.79 23.13
N ILE A 377 -14.90 -36.03 22.70
CA ILE A 377 -14.43 -37.21 23.45
C ILE A 377 -13.35 -37.95 22.66
N PHE A 397 -13.56 -28.04 26.95
CA PHE A 397 -14.16 -28.44 25.66
C PHE A 397 -13.84 -29.91 25.34
N THR A 398 -12.65 -30.34 25.74
CA THR A 398 -12.10 -31.64 25.38
C THR A 398 -12.13 -32.61 26.58
N PHE A 399 -13.30 -33.18 26.88
CA PHE A 399 -13.48 -33.94 28.11
C PHE A 399 -13.38 -35.48 27.97
N SER A 400 -13.01 -36.13 29.08
CA SER A 400 -12.95 -37.61 29.20
C SER A 400 -14.36 -38.21 29.29
N GLN A 401 -14.48 -39.54 29.09
CA GLN A 401 -15.79 -40.21 29.25
C GLN A 401 -16.37 -39.97 30.64
N GLU A 402 -15.66 -40.45 31.67
CA GLU A 402 -16.14 -40.29 33.05
C GLU A 402 -16.15 -38.80 33.45
N ASP A 403 -15.16 -38.03 32.97
CA ASP A 403 -15.10 -36.58 33.26
C ASP A 403 -16.39 -35.84 32.83
N PHE A 404 -16.83 -36.04 31.60
CA PHE A 404 -18.12 -35.50 31.13
C PHE A 404 -19.24 -36.02 32.04
N LEU A 405 -19.19 -37.33 32.33
CA LEU A 405 -20.16 -37.98 33.22
C LEU A 405 -20.29 -37.33 34.60
N THR A 406 -19.17 -37.03 35.24
CA THR A 406 -19.22 -36.46 36.60
C THR A 406 -19.34 -34.92 36.59
N SER A 407 -18.83 -34.25 35.54
CA SER A 407 -18.89 -32.77 35.45
C SER A 407 -20.20 -32.20 34.87
N ILE A 408 -20.40 -32.40 33.57
CA ILE A 408 -21.50 -31.72 32.85
C ILE A 408 -22.84 -32.40 33.10
N LEU A 409 -22.83 -33.73 33.10
CA LEU A 409 -24.04 -34.49 33.29
C LEU A 409 -24.95 -33.89 34.39
N PRO A 410 -24.42 -33.66 35.62
CA PRO A 410 -25.19 -33.06 36.72
C PRO A 410 -26.27 -32.03 36.36
N SER A 411 -25.91 -30.92 35.72
CA SER A 411 -26.87 -29.81 35.53
C SER A 411 -27.82 -29.92 34.29
N LEU A 412 -27.77 -31.05 33.57
CA LEU A 412 -28.74 -31.28 32.50
C LEU A 412 -30.17 -31.34 33.06
N THR A 413 -31.17 -31.16 32.19
CA THR A 413 -32.49 -30.76 32.66
C THR A 413 -33.58 -31.06 31.62
N GLU A 414 -34.81 -31.25 32.11
CA GLU A 414 -35.98 -31.65 31.29
C GLU A 414 -36.03 -30.92 29.93
N ILE A 415 -35.69 -29.63 29.94
CA ILE A 415 -35.78 -28.72 28.76
C ILE A 415 -34.64 -28.78 27.72
N ASP A 416 -33.42 -29.17 28.14
CA ASP A 416 -32.20 -29.13 27.31
C ASP A 416 -32.24 -30.08 26.09
N THR A 417 -31.31 -29.90 25.14
CA THR A 417 -31.12 -30.84 24.05
C THR A 417 -29.64 -31.24 23.99
N VAL A 418 -29.37 -32.52 23.70
CA VAL A 418 -28.01 -33.03 23.55
C VAL A 418 -27.87 -33.76 22.20
N VAL A 419 -26.72 -33.59 21.55
CA VAL A 419 -26.50 -34.15 20.23
C VAL A 419 -25.24 -34.97 20.16
N PHE A 420 -25.41 -36.14 19.56
CA PHE A 420 -24.38 -37.12 19.50
C PHE A 420 -24.01 -37.39 18.05
N ILE A 421 -22.71 -37.31 17.80
CA ILE A 421 -22.16 -37.18 16.50
C ILE A 421 -20.91 -38.04 16.51
N PHE A 422 -20.99 -39.11 15.74
CA PHE A 422 -20.02 -40.16 15.80
C PHE A 422 -20.24 -40.93 14.54
N THR A 423 -19.21 -41.65 14.12
CA THR A 423 -19.34 -42.65 13.08
C THR A 423 -19.61 -43.99 13.74
N LEU A 424 -19.94 -45.00 12.95
CA LEU A 424 -19.99 -46.37 13.50
C LEU A 424 -18.60 -46.95 13.67
N ASP A 425 -17.57 -46.27 13.19
CA ASP A 425 -16.20 -46.76 13.40
C ASP A 425 -15.57 -46.30 14.71
N ASP A 426 -16.30 -45.54 15.53
CA ASP A 426 -15.66 -44.80 16.63
C ASP A 426 -15.23 -45.56 17.90
N ASN A 427 -16.10 -46.44 18.40
CA ASN A 427 -16.04 -46.92 19.79
C ASN A 427 -17.40 -46.62 20.39
N LEU A 428 -18.38 -47.40 19.94
CA LEU A 428 -19.77 -47.22 20.34
C LEU A 428 -20.13 -47.68 21.77
N THR A 429 -19.16 -48.27 22.50
CA THR A 429 -19.36 -48.60 23.92
C THR A 429 -19.20 -47.33 24.75
N GLU A 430 -18.21 -46.52 24.41
CA GLU A 430 -18.03 -45.21 25.02
C GLU A 430 -19.27 -44.33 24.73
N VAL A 431 -19.86 -44.53 23.56
CA VAL A 431 -21.06 -43.82 23.14
C VAL A 431 -22.29 -44.26 23.93
N GLN A 432 -22.60 -45.55 23.88
CA GLN A 432 -23.84 -46.06 24.45
C GLN A 432 -23.98 -45.71 25.94
N THR A 433 -22.86 -45.71 26.66
CA THR A 433 -22.82 -45.28 28.06
C THR A 433 -23.39 -43.88 28.26
N ILE A 434 -22.76 -42.92 27.59
CA ILE A 434 -23.01 -41.51 27.83
C ILE A 434 -24.44 -41.15 27.47
N VAL A 435 -25.01 -41.88 26.52
CA VAL A 435 -26.38 -41.62 26.14
C VAL A 435 -27.35 -42.28 27.12
N GLU A 436 -27.07 -43.55 27.47
CA GLU A 436 -27.85 -44.25 28.52
C GLU A 436 -28.08 -43.31 29.68
N GLN A 437 -26.96 -42.74 30.19
CA GLN A 437 -26.97 -41.83 31.33
C GLN A 437 -27.80 -40.57 31.08
N VAL A 438 -27.47 -39.87 30.00
CA VAL A 438 -28.12 -38.61 29.60
C VAL A 438 -29.63 -38.79 29.34
N LYS A 439 -30.02 -39.97 28.89
CA LYS A 439 -31.42 -40.29 28.64
C LYS A 439 -32.28 -39.90 29.84
N GLU A 440 -31.80 -40.28 31.03
CA GLU A 440 -32.56 -40.13 32.27
C GLU A 440 -32.82 -38.70 32.69
N LYS A 441 -31.89 -37.81 32.38
CA LYS A 441 -32.04 -36.40 32.76
C LYS A 441 -32.75 -35.56 31.69
N THR A 442 -32.62 -35.96 30.41
CA THR A 442 -33.18 -35.14 29.31
C THR A 442 -34.41 -35.71 28.60
N ASN A 443 -34.20 -36.78 27.83
CA ASN A 443 -35.19 -37.31 26.85
C ASN A 443 -35.21 -36.57 25.46
N HIS A 444 -34.97 -35.26 25.44
CA HIS A 444 -34.66 -34.55 24.18
C HIS A 444 -33.24 -34.83 23.69
N ILE A 445 -32.91 -36.09 23.43
CA ILE A 445 -31.71 -36.44 22.67
C ILE A 445 -32.13 -36.62 21.19
N GLN A 446 -31.20 -36.36 20.26
CA GLN A 446 -31.30 -36.78 18.84
C GLN A 446 -29.83 -37.15 18.50
N ALA A 447 -29.57 -37.78 17.37
CA ALA A 447 -28.16 -38.10 17.04
C ALA A 447 -27.82 -38.05 15.54
N LEU A 448 -26.52 -38.08 15.28
CA LEU A 448 -25.96 -37.91 13.93
C LEU A 448 -24.84 -38.93 13.70
N ALA A 449 -25.15 -39.91 12.87
CA ALA A 449 -24.28 -41.05 12.72
C ALA A 449 -23.91 -41.24 11.27
N HIS A 450 -22.61 -41.33 11.05
CA HIS A 450 -22.09 -41.55 9.73
C HIS A 450 -21.62 -42.99 9.61
N SER A 451 -21.90 -43.61 8.46
CA SER A 451 -21.68 -45.04 8.23
C SER A 451 -21.40 -45.34 6.77
N THR A 452 -20.46 -46.26 6.54
CA THR A 452 -20.34 -46.95 5.25
C THR A 452 -21.65 -47.77 5.00
N VAL A 453 -22.06 -47.98 3.75
CA VAL A 453 -23.30 -48.77 3.42
C VAL A 453 -23.31 -50.17 4.06
N GLY A 454 -24.46 -50.53 4.65
CA GLY A 454 -24.62 -51.79 5.37
C GLY A 454 -23.67 -52.01 6.54
N GLN A 455 -23.37 -50.94 7.29
CA GLN A 455 -22.95 -51.09 8.69
C GLN A 455 -24.28 -51.03 9.46
N THR A 456 -24.31 -51.68 10.64
CA THR A 456 -25.52 -51.69 11.47
C THR A 456 -25.24 -51.08 12.82
N LEU A 457 -26.33 -50.69 13.45
CA LEU A 457 -26.31 -49.88 14.63
C LEU A 457 -26.46 -50.79 15.85
N PRO A 458 -25.34 -51.06 16.57
CA PRO A 458 -25.42 -51.86 17.79
C PRO A 458 -26.62 -51.51 18.69
N ILE A 459 -27.15 -52.53 19.37
CA ILE A 459 -28.43 -52.46 20.11
C ILE A 459 -29.59 -52.29 19.10
N PRO A 460 -30.28 -53.41 18.76
CA PRO A 460 -31.53 -53.38 17.96
C PRO A 460 -32.69 -52.59 18.60
N LEU A 461 -32.66 -52.39 19.91
CA LEU A 461 -33.46 -51.35 20.57
C LEU A 461 -32.61 -50.08 20.85
N LYS A 462 -31.88 -49.61 19.84
CA LYS A 462 -31.23 -48.31 19.92
C LYS A 462 -32.34 -47.29 19.87
N LYS A 463 -33.08 -47.20 20.98
CA LYS A 463 -34.25 -46.33 21.09
C LYS A 463 -34.49 -45.88 22.54
N LEU A 464 -33.52 -45.26 23.24
CA LEU A 464 -32.36 -44.50 22.71
C LEU A 464 -32.70 -43.53 21.57
N PHE A 465 -32.40 -43.87 20.31
CA PHE A 465 -32.79 -42.97 19.20
C PHE A 465 -33.89 -43.52 18.29
N PRO A 466 -35.16 -43.19 18.60
CA PRO A 466 -36.23 -43.49 17.64
C PRO A 466 -35.93 -42.95 16.23
N SER A 467 -35.58 -41.66 16.13
CA SER A 467 -35.50 -41.00 14.80
C SER A 467 -34.11 -40.48 14.45
N ILE A 468 -33.09 -41.31 14.67
CA ILE A 468 -31.72 -41.04 14.20
C ILE A 468 -31.62 -40.28 12.87
N ILE A 469 -30.57 -39.47 12.78
CA ILE A 469 -30.10 -38.89 11.54
C ILE A 469 -28.98 -39.81 11.09
N SER A 470 -29.38 -40.82 10.34
CA SER A 470 -28.46 -41.79 9.80
C SER A 470 -28.06 -41.20 8.47
N ILE A 471 -26.78 -40.90 8.34
CA ILE A 471 -26.20 -40.55 7.07
C ILE A 471 -25.26 -41.69 6.68
N THR A 472 -25.57 -42.27 5.53
CA THR A 472 -24.97 -43.51 5.10
C THR A 472 -24.27 -43.25 3.76
N TRP A 473 -23.00 -43.66 3.67
CA TRP A 473 -22.09 -43.31 2.55
C TRP A 473 -21.78 -44.51 1.64
N PRO A 474 -21.98 -44.38 0.32
CA PRO A 474 -21.48 -45.38 -0.61
C PRO A 474 -20.06 -45.84 -0.32
N LEU A 475 -19.61 -46.88 -1.03
CA LEU A 475 -18.21 -47.30 -0.98
C LEU A 475 -17.43 -46.49 -2.01
N LEU A 476 -16.33 -45.86 -1.60
CA LEU A 476 -15.43 -45.21 -2.55
C LEU A 476 -14.10 -45.95 -2.52
N PHE A 477 -13.32 -45.86 -3.61
CA PHE A 477 -12.01 -46.50 -3.66
C PHE A 477 -10.95 -45.56 -3.08
N PHE A 478 -10.47 -45.94 -1.89
CA PHE A 478 -9.51 -45.13 -1.12
C PHE A 478 -8.21 -45.91 -0.92
N GLU A 479 -7.09 -45.29 -1.26
CA GLU A 479 -5.82 -45.98 -1.16
C GLU A 479 -4.98 -45.52 0.06
N TYR A 480 -5.32 -44.39 0.68
CA TYR A 480 -4.57 -43.93 1.84
C TYR A 480 -5.12 -44.50 3.13
N GLU A 481 -4.19 -44.83 4.02
CA GLU A 481 -4.45 -45.61 5.25
C GLU A 481 -5.68 -45.17 6.07
N GLY A 482 -5.85 -43.84 6.25
CA GLY A 482 -6.91 -43.26 7.10
C GLY A 482 -8.23 -42.94 6.41
N ASN A 483 -8.30 -43.21 5.10
CA ASN A 483 -9.49 -42.93 4.26
C ASN A 483 -9.93 -41.44 4.38
N PHE A 484 -9.09 -40.58 3.84
CA PHE A 484 -9.21 -39.14 4.12
C PHE A 484 -10.41 -38.54 3.43
N ILE A 485 -10.65 -38.95 2.21
CA ILE A 485 -11.85 -38.59 1.50
C ILE A 485 -13.10 -38.91 2.33
N GLN A 486 -13.14 -40.04 3.02
CA GLN A 486 -14.33 -40.38 3.82
C GLN A 486 -14.44 -39.44 5.00
N LYS A 487 -13.30 -39.10 5.57
CA LYS A 487 -13.20 -38.14 6.67
C LYS A 487 -13.75 -36.76 6.21
N PHE A 488 -13.15 -36.22 5.14
CA PHE A 488 -13.56 -34.89 4.63
C PHE A 488 -15.04 -34.80 4.39
N GLN A 489 -15.57 -35.78 3.66
CA GLN A 489 -17.02 -35.85 3.40
C GLN A 489 -17.79 -35.71 4.66
N ARG A 490 -17.29 -36.35 5.71
CA ARG A 490 -18.08 -36.50 6.95
C ARG A 490 -18.11 -35.22 7.82
N GLU A 491 -16.91 -34.67 8.03
CA GLU A 491 -16.72 -33.30 8.52
C GLU A 491 -17.70 -32.32 7.84
N LEU A 492 -17.65 -32.25 6.50
CA LEU A 492 -18.47 -31.29 5.76
C LEU A 492 -19.94 -31.53 6.02
N SER A 493 -20.36 -32.77 5.89
CA SER A 493 -21.77 -33.09 6.07
C SER A 493 -22.22 -32.69 7.48
N THR A 494 -21.39 -32.98 8.49
CA THR A 494 -21.70 -32.54 9.86
C THR A 494 -21.77 -30.99 9.96
N LYS A 495 -20.72 -30.32 9.47
CA LYS A 495 -20.70 -28.85 9.44
C LYS A 495 -21.98 -28.30 8.89
N TRP A 496 -22.36 -28.79 7.71
CA TRP A 496 -23.60 -28.39 7.11
C TRP A 496 -24.79 -28.59 8.05
N VAL A 497 -24.85 -29.70 8.76
CA VAL A 497 -25.98 -29.94 9.64
C VAL A 497 -25.95 -28.99 10.82
N LEU A 498 -24.84 -28.93 11.49
CA LEU A 498 -24.79 -28.11 12.70
C LEU A 498 -24.96 -26.61 12.40
N ASN A 499 -24.34 -26.12 11.31
CA ASN A 499 -24.55 -24.73 10.89
C ASN A 499 -26.04 -24.44 10.63
N THR A 500 -26.71 -25.34 9.91
CA THR A 500 -28.11 -25.09 9.55
C THR A 500 -28.99 -25.16 10.79
N VAL A 501 -28.64 -26.11 11.65
CA VAL A 501 -29.37 -26.31 12.91
C VAL A 501 -29.20 -25.07 13.78
N SER A 502 -27.95 -24.70 14.02
CA SER A 502 -27.67 -23.60 14.93
C SER A 502 -28.23 -22.31 14.40
N THR A 503 -28.08 -22.09 13.10
CA THR A 503 -28.46 -20.82 12.51
C THR A 503 -29.96 -20.75 12.44
N GLY A 504 -30.60 -21.85 12.04
CA GLY A 504 -32.06 -21.88 11.95
C GLY A 504 -32.69 -21.68 13.32
N ALA A 505 -32.20 -22.41 14.32
CA ALA A 505 -32.69 -22.27 15.70
C ALA A 505 -32.81 -20.80 16.12
N HIS A 506 -31.76 -20.02 15.89
CA HIS A 506 -31.78 -18.61 16.28
C HIS A 506 -32.74 -17.77 15.48
N VAL A 507 -32.93 -18.11 14.21
CA VAL A 507 -33.83 -17.33 13.37
C VAL A 507 -35.22 -17.52 13.95
N LEU A 508 -35.54 -18.78 14.26
CA LEU A 508 -36.88 -19.16 14.71
C LEU A 508 -37.25 -18.40 15.97
N LEU A 509 -36.24 -18.16 16.83
CA LEU A 509 -36.39 -17.33 18.03
C LEU A 509 -36.61 -15.85 17.76
N GLY A 510 -36.99 -15.49 16.52
CA GLY A 510 -37.28 -14.10 16.13
C GLY A 510 -36.11 -13.10 16.09
N LYS A 511 -34.87 -13.59 16.17
CA LYS A 511 -33.68 -12.74 16.37
C LYS A 511 -32.99 -12.21 15.10
N ILE A 512 -33.52 -12.56 13.93
CA ILE A 512 -32.92 -12.18 12.65
C ILE A 512 -33.93 -11.30 11.95
N LEU A 513 -33.46 -10.19 11.37
CA LEU A 513 -34.34 -9.27 10.70
C LEU A 513 -34.14 -9.42 9.17
N GLN A 514 -35.20 -9.90 8.52
CA GLN A 514 -35.17 -10.36 7.15
C GLN A 514 -34.15 -11.51 7.01
N ASN A 515 -33.02 -11.26 6.34
CA ASN A 515 -31.88 -12.18 6.40
C ASN A 515 -30.66 -11.53 6.99
N HIS A 516 -30.86 -10.57 7.88
CA HIS A 516 -29.77 -9.84 8.51
C HIS A 516 -29.77 -10.07 10.03
N MET A 517 -28.58 -10.22 10.60
CA MET A 517 -28.46 -10.12 12.05
C MET A 517 -28.29 -8.64 12.43
N LEU A 518 -29.41 -7.98 12.66
CA LEU A 518 -29.38 -6.55 13.03
C LEU A 518 -28.55 -6.19 14.26
N ASP A 519 -28.72 -6.98 15.31
CA ASP A 519 -28.23 -6.64 16.64
C ASP A 519 -26.87 -7.22 16.93
N LEU A 520 -25.95 -7.05 16.01
CA LEU A 520 -24.63 -7.64 16.22
C LEU A 520 -23.76 -6.75 17.09
N ARG A 521 -22.77 -7.39 17.69
CA ARG A 521 -21.81 -6.73 18.51
C ARG A 521 -20.69 -6.33 17.56
N ILE A 522 -20.38 -5.05 17.54
CA ILE A 522 -19.35 -4.51 16.69
C ILE A 522 -18.02 -4.82 17.31
N SER A 523 -17.38 -5.88 16.82
CA SER A 523 -16.12 -6.36 17.47
C SER A 523 -14.88 -6.28 16.63
N ASN A 524 -15.02 -5.72 15.43
CA ASN A 524 -13.90 -5.41 14.56
C ASN A 524 -14.36 -4.41 13.49
N SER A 525 -13.44 -3.85 12.71
CA SER A 525 -13.81 -2.86 11.72
C SER A 525 -14.89 -3.34 10.68
N LYS A 526 -14.77 -4.57 10.23
CA LYS A 526 -15.69 -5.10 9.22
C LYS A 526 -17.14 -5.08 9.73
N LEU A 527 -17.32 -5.48 10.96
CA LEU A 527 -18.63 -5.49 11.56
C LEU A 527 -19.04 -4.04 11.77
N PHE A 528 -18.07 -3.18 12.06
CA PHE A 528 -18.40 -1.76 12.16
C PHE A 528 -18.92 -1.32 10.80
N TRP A 529 -18.25 -1.69 9.71
CA TRP A 529 -18.71 -1.20 8.41
C TRP A 529 -20.06 -1.80 8.05
N ARG A 530 -20.30 -3.00 8.49
CA ARG A 530 -21.60 -3.63 8.30
C ARG A 530 -22.72 -2.91 9.08
N ALA A 531 -22.46 -2.57 10.33
CA ALA A 531 -23.44 -1.82 11.12
C ALA A 531 -23.84 -0.58 10.37
N LEU A 532 -22.85 0.18 9.90
CA LEU A 532 -23.16 1.43 9.19
C LEU A 532 -24.04 1.17 7.95
N ALA A 533 -23.67 0.15 7.19
CA ALA A 533 -24.42 -0.22 6.02
C ALA A 533 -25.82 -0.64 6.41
N MET A 534 -25.95 -1.41 7.49
CA MET A 534 -27.30 -1.78 7.88
C MET A 534 -28.14 -0.54 8.19
N LEU A 535 -27.56 0.49 8.77
CA LEU A 535 -28.35 1.72 9.05
C LEU A 535 -28.76 2.47 7.78
N GLN A 536 -27.88 2.56 6.79
CA GLN A 536 -28.24 3.22 5.53
C GLN A 536 -29.38 2.49 4.85
N ARG A 537 -29.24 1.17 4.79
CA ARG A 537 -30.22 0.33 4.11
C ARG A 537 -31.57 0.35 4.82
N PHE A 538 -31.65 -0.04 6.08
CA PHE A 538 -32.91 -0.02 6.82
C PHE A 538 -33.52 1.38 7.03
N SER A 539 -32.71 2.42 7.19
CA SER A 539 -33.27 3.76 7.42
C SER A 539 -33.56 4.48 6.12
N GLY A 540 -32.69 4.30 5.13
CA GLY A 540 -32.83 5.01 3.86
C GLY A 540 -32.28 6.42 3.95
N GLN A 541 -31.70 6.78 5.10
CA GLN A 541 -31.25 8.16 5.36
C GLN A 541 -29.78 8.32 5.01
N SER A 542 -29.29 9.56 5.04
CA SER A 542 -28.00 9.87 4.45
C SER A 542 -26.83 9.17 5.20
N LYS A 543 -25.66 9.22 4.62
CA LYS A 543 -24.47 8.60 5.17
C LYS A 543 -24.00 9.36 6.41
N ALA A 544 -24.07 10.69 6.34
CA ALA A 544 -23.68 11.58 7.44
C ALA A 544 -24.57 11.31 8.68
N ARG A 545 -25.86 11.31 8.47
CA ARG A 545 -26.80 11.00 9.51
C ARG A 545 -26.57 9.61 10.16
N CYS A 546 -26.50 8.58 9.33
CA CYS A 546 -26.20 7.24 9.81
C CYS A 546 -24.92 7.18 10.62
N ILE A 547 -23.86 7.77 10.09
CA ILE A 547 -22.58 7.83 10.81
C ILE A 547 -22.73 8.51 12.15
N GLU A 548 -23.40 9.66 12.13
CA GLU A 548 -23.64 10.42 13.36
C GLU A 548 -24.44 9.58 14.35
N SER A 549 -25.51 8.95 13.91
CA SER A 549 -26.30 8.22 14.85
C SER A 549 -25.52 7.03 15.44
N LEU A 550 -24.75 6.33 14.60
CA LEU A 550 -23.92 5.20 15.09
C LEU A 550 -22.87 5.66 16.06
N LEU A 551 -22.08 6.65 15.69
CA LEU A 551 -21.11 7.15 16.64
C LEU A 551 -21.77 7.70 17.93
N ARG A 552 -22.93 8.32 17.83
CA ARG A 552 -23.57 8.83 19.05
C ARG A 552 -23.97 7.64 19.91
N ALA A 553 -24.57 6.62 19.27
CA ALA A 553 -24.98 5.42 19.94
C ALA A 553 -23.81 4.72 20.68
N ILE A 554 -22.65 4.67 20.03
CA ILE A 554 -21.51 3.97 20.58
C ILE A 554 -20.97 4.70 21.80
N HIS A 555 -20.74 5.99 21.64
CA HIS A 555 -20.05 6.72 22.66
C HIS A 555 -20.95 7.40 23.66
N PHE A 556 -22.25 7.31 23.50
CA PHE A 556 -23.17 7.76 24.56
C PHE A 556 -22.69 7.27 25.90
N PRO A 557 -22.70 8.13 26.93
CA PRO A 557 -23.20 9.49 27.06
C PRO A 557 -22.30 10.63 26.58
N GLN A 558 -21.10 10.35 26.07
CA GLN A 558 -20.28 11.43 25.55
C GLN A 558 -20.90 11.86 24.22
N PRO A 559 -20.95 13.19 23.95
CA PRO A 559 -21.37 13.70 22.65
C PRO A 559 -20.28 13.62 21.62
N LEU A 560 -20.69 13.69 20.36
CA LEU A 560 -19.75 13.82 19.27
C LEU A 560 -18.88 15.06 19.42
N SER A 561 -17.60 14.86 19.65
CA SER A 561 -16.58 15.88 19.47
C SER A 561 -15.85 15.60 18.19
N ASP A 562 -15.02 16.55 17.78
CA ASP A 562 -14.14 16.41 16.64
C ASP A 562 -13.18 15.22 16.80
N ASP A 563 -12.49 15.12 17.93
CA ASP A 563 -11.64 13.94 18.23
C ASP A 563 -12.41 12.64 17.90
N ILE A 564 -13.68 12.55 18.26
CA ILE A 564 -14.39 11.30 18.14
C ILE A 564 -14.67 11.15 16.67
N ARG A 565 -15.13 12.19 15.99
CA ARG A 565 -15.38 12.04 14.55
C ARG A 565 -14.15 11.55 13.75
N ALA A 566 -12.99 12.09 14.11
CA ALA A 566 -11.73 11.83 13.42
C ALA A 566 -11.03 10.58 13.97
N ALA A 567 -11.56 9.98 15.02
CA ALA A 567 -10.91 8.82 15.61
C ALA A 567 -10.87 7.66 14.61
N PRO A 568 -9.82 6.79 14.69
CA PRO A 568 -9.69 5.56 13.94
C PRO A 568 -10.75 4.56 14.31
N ILE A 569 -11.16 3.74 13.35
CA ILE A 569 -12.27 2.84 13.55
C ILE A 569 -12.03 1.93 14.78
N SER A 570 -10.77 1.58 15.06
CA SER A 570 -10.48 0.76 16.26
C SER A 570 -10.98 1.35 17.56
N CYS A 571 -10.94 2.67 17.68
CA CYS A 571 -11.45 3.34 18.88
C CYS A 571 -12.98 3.13 19.01
N HIS A 572 -13.72 3.31 17.92
CA HIS A 572 -15.18 2.97 18.01
C HIS A 572 -15.43 1.49 18.36
N VAL A 573 -14.66 0.60 17.72
CA VAL A 573 -14.78 -0.83 17.92
C VAL A 573 -14.49 -1.13 19.41
N GLN A 574 -13.37 -0.63 19.94
CA GLN A 574 -13.02 -0.91 21.35
C GLN A 574 -14.20 -0.57 22.29
N VAL A 575 -14.93 0.54 22.03
CA VAL A 575 -16.04 0.98 22.87
C VAL A 575 -17.37 0.29 22.58
N ALA A 576 -17.68 0.06 21.29
CA ALA A 576 -18.95 -0.69 20.94
C ALA A 576 -18.91 -2.13 21.38
N HIS A 577 -17.75 -2.75 21.24
CA HIS A 577 -17.57 -4.12 21.66
C HIS A 577 -18.17 -4.41 23.02
N GLU A 578 -18.13 -3.41 23.90
CA GLU A 578 -18.62 -3.57 25.28
C GLU A 578 -20.12 -3.25 25.50
N LYS A 579 -20.84 -2.64 24.57
CA LYS A 579 -22.26 -2.31 24.84
C LYS A 579 -23.25 -3.28 24.19
N GLU A 580 -24.52 -3.12 24.50
CA GLU A 580 -25.61 -3.97 24.01
C GLU A 580 -26.53 -3.12 23.17
N GLN A 581 -27.17 -3.69 22.15
CA GLN A 581 -28.19 -2.95 21.38
C GLN A 581 -27.68 -1.62 20.75
N VAL A 582 -26.38 -1.44 20.62
CA VAL A 582 -25.84 -0.32 19.89
C VAL A 582 -26.54 -0.15 18.54
N ILE A 583 -26.60 -1.17 17.69
CA ILE A 583 -27.18 -0.90 16.36
C ILE A 583 -28.68 -0.56 16.39
N PRO A 584 -29.47 -1.31 17.18
CA PRO A 584 -30.89 -0.97 17.22
C PRO A 584 -31.18 0.41 17.80
N ILE A 585 -30.36 0.87 18.74
CA ILE A 585 -30.53 2.19 19.35
C ILE A 585 -30.27 3.22 18.31
N ALA A 586 -29.21 3.03 17.53
CA ALA A 586 -28.89 3.99 16.49
C ALA A 586 -29.95 3.98 15.42
N LEU A 587 -30.51 2.82 15.12
CA LEU A 587 -31.53 2.75 14.09
C LEU A 587 -32.81 3.47 14.52
N LEU A 588 -33.18 3.37 15.81
CA LEU A 588 -34.38 4.01 16.28
C LEU A 588 -34.14 5.52 16.31
N SER A 589 -32.95 5.95 16.70
CA SER A 589 -32.69 7.37 16.73
C SER A 589 -32.89 8.00 15.35
N LEU A 590 -32.64 7.25 14.28
CA LEU A 590 -32.81 7.72 12.92
C LEU A 590 -34.28 7.64 12.47
N LEU A 591 -34.96 6.54 12.80
CA LEU A 591 -36.33 6.37 12.30
C LEU A 591 -37.21 7.43 12.94
N PHE A 592 -37.07 7.55 14.25
CA PHE A 592 -37.82 8.51 15.05
C PHE A 592 -37.31 9.97 15.02
N ARG A 593 -36.30 10.23 14.18
CA ARG A 593 -35.53 11.48 14.19
C ARG A 593 -35.32 12.05 15.57
N CYS A 594 -34.90 11.21 16.51
CA CYS A 594 -34.86 11.57 17.92
C CYS A 594 -33.48 11.37 18.46
N SER A 595 -33.24 11.84 19.67
CA SER A 595 -31.98 11.68 20.35
C SER A 595 -31.77 10.24 20.88
N ILE A 596 -30.54 9.93 21.27
CA ILE A 596 -30.20 8.67 21.87
C ILE A 596 -30.97 8.54 23.21
N THR A 597 -31.07 9.63 23.98
CA THR A 597 -31.72 9.58 25.29
C THR A 597 -33.18 9.08 25.11
N GLU A 598 -33.80 9.58 24.03
CA GLU A 598 -35.18 9.26 23.71
C GLU A 598 -35.33 7.88 23.13
N ALA A 599 -34.29 7.37 22.46
CA ALA A 599 -34.42 6.11 21.77
C ALA A 599 -34.14 4.96 22.72
N GLN A 600 -33.18 5.12 23.61
CA GLN A 600 -32.97 4.20 24.75
C GLN A 600 -34.22 4.02 25.64
N ALA A 601 -34.95 5.12 25.83
CA ALA A 601 -36.07 5.10 26.72
C ALA A 601 -37.21 4.42 26.00
N HIS A 602 -37.30 4.63 24.69
CA HIS A 602 -38.33 4.01 23.90
C HIS A 602 -38.15 2.51 23.90
N LEU A 603 -36.91 2.10 23.68
CA LEU A 603 -36.58 0.71 23.60
C LEU A 603 -36.87 0.02 24.94
N ALA A 604 -36.37 0.56 26.04
CA ALA A 604 -36.64 0.01 27.37
C ALA A 604 -38.14 -0.16 27.68
N ALA A 605 -38.99 0.67 27.09
CA ALA A 605 -40.42 0.57 27.32
C ALA A 605 -41.09 -0.18 26.18
N ALA A 606 -40.33 -0.99 25.47
CA ALA A 606 -40.92 -1.94 24.53
C ALA A 606 -40.81 -3.36 25.12
N PRO A 607 -41.75 -4.25 24.73
CA PRO A 607 -41.73 -5.64 25.21
C PRO A 607 -40.43 -6.37 24.81
N SER A 608 -39.89 -6.09 23.62
CA SER A 608 -38.58 -6.60 23.21
C SER A 608 -37.87 -5.72 22.17
N VAL A 609 -36.56 -5.95 22.03
CA VAL A 609 -35.72 -5.26 21.04
C VAL A 609 -36.29 -5.40 19.64
N CYS A 610 -36.50 -6.64 19.22
CA CYS A 610 -37.03 -7.01 17.90
C CYS A 610 -38.40 -6.36 17.55
N GLU A 611 -39.31 -6.36 18.51
CA GLU A 611 -40.61 -5.73 18.30
C GLU A 611 -40.45 -4.22 18.22
N ALA A 612 -39.63 -3.65 19.08
CA ALA A 612 -39.31 -2.22 18.98
C ALA A 612 -38.80 -1.87 17.58
N VAL A 613 -37.94 -2.72 17.03
CA VAL A 613 -37.36 -2.45 15.71
C VAL A 613 -38.38 -2.64 14.58
N ARG A 614 -39.06 -3.79 14.63
CA ARG A 614 -40.06 -4.14 13.61
C ARG A 614 -41.23 -3.16 13.54
N SER A 615 -41.78 -2.84 14.70
CA SER A 615 -42.88 -1.90 14.77
C SER A 615 -42.41 -0.54 14.33
N ALA A 616 -41.20 -0.15 14.69
CA ALA A 616 -40.68 1.15 14.23
C ALA A 616 -40.32 1.13 12.74
N LEU A 617 -39.91 -0.01 12.20
CA LEU A 617 -39.71 -0.08 10.75
C LEU A 617 -41.02 0.10 9.96
N ALA A 618 -42.16 -0.26 10.55
CA ALA A 618 -43.50 0.03 9.95
C ALA A 618 -43.67 1.47 9.42
N MET B 13 -10.61 -3.85 -21.34
CA MET B 13 -9.54 -3.90 -22.37
C MET B 13 -8.17 -3.92 -21.66
N PRO B 14 -7.09 -4.38 -22.34
CA PRO B 14 -5.76 -4.34 -21.73
C PRO B 14 -5.11 -2.94 -21.76
N GLY B 15 -4.28 -2.66 -20.74
CA GLY B 15 -3.79 -1.32 -20.43
C GLY B 15 -4.74 -0.54 -19.54
N THR B 16 -5.97 -1.01 -19.37
CA THR B 16 -6.92 -0.36 -18.45
C THR B 16 -6.34 -0.20 -17.05
N LYS B 17 -5.84 -1.28 -16.46
CA LYS B 17 -5.15 -1.18 -15.17
C LYS B 17 -4.05 -0.14 -15.19
N ARG B 18 -3.18 -0.15 -16.19
CA ARG B 18 -1.99 0.71 -16.14
C ARG B 18 -2.29 2.18 -16.38
N PHE B 19 -3.44 2.49 -17.02
CA PHE B 19 -3.77 3.86 -17.40
C PHE B 19 -5.02 4.45 -16.76
N GLN B 20 -5.56 3.73 -15.80
CA GLN B 20 -6.81 4.08 -15.12
C GLN B 20 -6.68 5.40 -14.37
N HIS B 21 -5.60 5.54 -13.63
CA HIS B 21 -5.37 6.75 -12.87
C HIS B 21 -5.24 8.02 -13.76
N VAL B 22 -4.83 7.88 -15.03
CA VAL B 22 -4.58 9.06 -15.87
C VAL B 22 -5.88 9.78 -16.11
N ILE B 23 -5.86 11.09 -15.94
CA ILE B 23 -7.02 11.93 -16.09
C ILE B 23 -7.21 12.30 -17.56
N GLU B 24 -8.48 12.31 -17.97
CA GLU B 24 -8.87 12.53 -19.34
C GLU B 24 -8.49 13.94 -19.72
N THR B 25 -8.16 14.15 -21.00
CA THR B 25 -7.83 15.46 -21.47
C THR B 25 -9.08 16.29 -21.44
N PRO B 26 -9.02 17.50 -20.87
CA PRO B 26 -10.16 18.41 -20.85
C PRO B 26 -10.56 18.97 -22.23
N GLU B 27 -11.76 19.52 -22.34
CA GLU B 27 -12.21 20.11 -23.59
C GLU B 27 -11.57 21.48 -23.69
N PRO B 28 -11.35 21.96 -24.93
CA PRO B 28 -10.62 23.24 -25.09
C PRO B 28 -11.25 24.37 -24.29
N GLY B 29 -10.45 25.12 -23.55
CA GLY B 29 -10.97 26.19 -22.70
C GLY B 29 -11.64 25.73 -21.42
N LYS B 30 -11.62 24.43 -21.12
CA LYS B 30 -12.23 23.93 -19.88
C LYS B 30 -11.21 23.19 -18.98
N TRP B 31 -9.93 23.59 -19.04
CA TRP B 31 -8.87 22.92 -18.26
C TRP B 31 -9.02 23.21 -16.78
N GLU B 32 -9.20 24.50 -16.47
CA GLU B 32 -9.56 24.99 -15.13
C GLU B 32 -10.84 24.36 -14.61
N LEU B 33 -11.91 24.54 -15.38
CA LEU B 33 -13.27 24.15 -14.99
C LEU B 33 -13.44 22.62 -14.81
N SER B 34 -12.79 21.83 -15.67
CA SER B 34 -12.74 20.37 -15.49
C SER B 34 -12.06 19.98 -14.18
N GLY B 35 -11.20 20.85 -13.64
CA GLY B 35 -10.44 20.53 -12.41
C GLY B 35 -9.24 19.64 -12.66
N TYR B 36 -8.80 19.59 -13.92
CA TYR B 36 -7.58 18.87 -14.28
C TYR B 36 -6.39 19.59 -13.62
N GLU B 37 -6.37 20.93 -13.74
CA GLU B 37 -5.32 21.79 -13.13
C GLU B 37 -5.10 21.65 -11.65
N ALA B 38 -6.20 21.58 -10.90
CA ALA B 38 -6.08 21.50 -9.44
C ALA B 38 -5.55 20.12 -9.06
N ALA B 39 -5.71 19.14 -9.93
CA ALA B 39 -5.06 17.86 -9.74
C ALA B 39 -3.53 17.81 -10.15
N VAL B 40 -3.03 18.84 -10.80
CA VAL B 40 -1.64 18.91 -11.14
C VAL B 40 -0.93 19.35 -9.90
N PRO B 41 -0.02 18.50 -9.38
CA PRO B 41 0.67 18.92 -8.17
C PRO B 41 1.54 20.16 -8.39
N ILE B 42 1.78 20.88 -7.29
CA ILE B 42 2.55 22.15 -7.38
C ILE B 42 3.88 21.89 -8.04
N THR B 43 4.53 20.80 -7.65
CA THR B 43 5.88 20.52 -8.13
C THR B 43 5.84 20.25 -9.61
N GLU B 44 4.68 19.84 -10.13
CA GLU B 44 4.62 19.49 -11.56
C GLU B 44 4.06 20.56 -12.42
N LYS B 45 3.49 21.62 -11.86
CA LYS B 45 2.85 22.60 -12.73
C LYS B 45 3.85 23.32 -13.60
N SER B 46 3.32 23.95 -14.63
CA SER B 46 3.94 25.07 -15.33
C SER B 46 3.87 26.31 -14.44
N ASN B 47 4.95 27.04 -14.30
CA ASN B 47 4.96 28.24 -13.50
C ASN B 47 4.52 29.43 -14.35
N PRO B 48 3.45 30.12 -13.96
CA PRO B 48 3.00 31.19 -14.87
C PRO B 48 4.04 32.28 -15.08
N LEU B 49 4.86 32.54 -14.08
CA LEU B 49 5.96 33.47 -14.28
C LEU B 49 6.75 33.16 -15.54
N THR B 50 6.79 31.89 -15.95
CA THR B 50 7.71 31.48 -17.03
C THR B 50 7.06 31.04 -18.32
N GLN B 51 5.78 31.30 -18.50
CA GLN B 51 5.08 30.93 -19.76
C GLN B 51 5.75 31.32 -21.08
N ASP B 52 6.37 32.50 -21.11
CA ASP B 52 7.06 32.94 -22.31
C ASP B 52 8.60 32.93 -22.08
N LEU B 53 9.11 31.92 -21.38
CA LEU B 53 10.56 31.87 -21.16
C LEU B 53 11.26 31.66 -22.50
N ASP B 54 10.60 30.98 -23.45
CA ASP B 54 11.17 30.69 -24.77
C ASP B 54 11.26 31.91 -25.68
N LYS B 55 10.74 33.06 -25.23
CA LYS B 55 10.84 34.32 -25.98
C LYS B 55 11.65 35.41 -25.25
N ALA B 56 12.35 35.03 -24.20
CA ALA B 56 12.99 35.99 -23.30
C ALA B 56 14.52 36.00 -23.48
N ASP B 57 15.12 37.20 -23.36
CA ASP B 57 16.58 37.39 -23.46
C ASP B 57 17.30 37.03 -22.14
N ALA B 58 18.63 36.94 -22.16
CA ALA B 58 19.31 36.41 -21.00
C ALA B 58 18.93 37.16 -19.73
N GLU B 59 18.86 38.49 -19.81
CA GLU B 59 18.66 39.28 -18.60
C GLU B 59 17.24 39.05 -18.04
N ASN B 60 16.25 38.95 -18.91
CA ASN B 60 14.94 38.53 -18.48
C ASN B 60 14.90 37.11 -17.87
N ILE B 61 15.62 36.17 -18.49
CA ILE B 61 15.70 34.81 -17.97
C ILE B 61 16.26 34.78 -16.57
N VAL B 62 17.33 35.52 -16.36
CA VAL B 62 17.85 35.69 -14.98
C VAL B 62 16.80 36.33 -14.01
N ARG B 63 16.09 37.33 -14.50
CA ARG B 63 15.09 38.02 -13.69
C ARG B 63 13.96 36.98 -13.32
N LEU B 64 13.43 36.28 -14.30
CA LEU B 64 12.32 35.35 -14.06
C LEU B 64 12.71 34.20 -13.16
N LEU B 65 13.87 33.61 -13.43
CA LEU B 65 14.31 32.50 -12.57
C LEU B 65 14.63 32.96 -11.19
N GLY B 66 15.13 34.19 -11.10
CA GLY B 66 15.39 34.80 -9.80
C GLY B 66 14.07 34.94 -9.07
N GLN B 67 13.05 35.40 -9.77
CA GLN B 67 11.73 35.47 -9.13
C GLN B 67 11.23 34.05 -8.78
N CYS B 68 11.51 33.03 -9.60
CA CYS B 68 11.05 31.66 -9.27
C CYS B 68 11.65 31.19 -7.96
N ASP B 69 12.94 31.44 -7.77
CA ASP B 69 13.63 31.04 -6.52
C ASP B 69 13.17 31.81 -5.28
N ALA B 70 12.86 33.10 -5.46
CA ALA B 70 12.35 33.91 -4.34
C ALA B 70 11.09 33.26 -3.75
N GLU B 71 10.31 32.56 -4.59
CA GLU B 71 9.07 31.97 -4.14
C GLU B 71 9.33 31.00 -3.01
N ILE B 72 10.51 30.44 -2.94
CA ILE B 72 10.85 29.62 -1.80
C ILE B 72 10.62 30.27 -0.44
N PHE B 73 10.82 31.60 -0.31
CA PHE B 73 10.75 32.29 1.04
C PHE B 73 9.49 33.17 1.24
N GLN B 74 8.77 33.35 0.15
CA GLN B 74 7.44 33.89 0.17
C GLN B 74 6.46 33.28 1.21
N GLU B 75 5.77 34.15 1.96
CA GLU B 75 4.91 33.71 3.04
C GLU B 75 3.50 33.40 2.54
N GLU B 76 2.82 32.54 3.29
CA GLU B 76 1.47 32.05 3.01
C GLU B 76 0.54 33.27 3.10
N GLY B 77 -0.43 33.37 2.20
CA GLY B 77 -1.46 34.44 2.27
C GLY B 77 -2.73 34.01 3.01
N GLN B 78 -3.85 34.66 2.66
CA GLN B 78 -5.21 34.33 3.20
C GLN B 78 -6.27 34.17 2.10
N SER B 81 -7.92 28.19 1.48
CA SER B 81 -7.58 28.82 0.19
C SER B 81 -6.14 28.50 -0.25
N THR B 82 -5.23 28.46 0.72
CA THR B 82 -3.76 28.55 0.48
C THR B 82 -3.00 27.36 1.01
N TYR B 83 -1.76 27.21 0.55
CA TYR B 83 -0.90 26.11 1.01
C TYR B 83 0.14 26.55 2.07
N GLN B 84 0.41 25.67 3.01
CA GLN B 84 1.44 25.88 4.00
C GLN B 84 2.81 26.15 3.30
N ARG B 85 3.64 27.04 3.87
CA ARG B 85 4.88 27.49 3.24
C ARG B 85 6.02 27.48 4.22
N LEU B 86 7.21 27.86 3.74
CA LEU B 86 8.43 27.71 4.55
C LEU B 86 8.34 28.35 5.95
N TYR B 87 7.81 29.56 5.99
CA TYR B 87 7.71 30.37 7.21
C TYR B 87 6.39 30.21 7.96
N SER B 88 5.51 29.35 7.46
CA SER B 88 4.27 29.09 8.17
C SER B 88 4.58 28.38 9.45
N GLU B 89 3.76 28.63 10.44
CA GLU B 89 3.99 28.17 11.78
C GLU B 89 4.00 26.61 11.89
N SER B 90 3.14 25.95 11.11
CA SER B 90 3.05 24.51 11.16
C SER B 90 4.40 23.94 10.69
N ILE B 91 4.98 24.57 9.68
CA ILE B 91 6.26 24.13 9.13
C ILE B 91 7.47 24.40 10.05
N LEU B 92 7.55 25.59 10.64
CA LEU B 92 8.60 25.87 11.65
C LEU B 92 8.41 24.99 12.86
N THR B 93 7.19 24.71 13.26
CA THR B 93 7.00 23.79 14.40
C THR B 93 7.56 22.40 14.05
N THR B 94 7.16 21.86 12.91
CA THR B 94 7.73 20.57 12.48
C THR B 94 9.25 20.55 12.36
N MET B 95 9.84 21.62 11.82
CA MET B 95 11.30 21.74 11.81
C MET B 95 11.92 21.65 13.20
N VAL B 96 11.40 22.41 14.17
CA VAL B 96 11.95 22.37 15.52
C VAL B 96 11.78 21.00 16.17
N GLN B 97 10.62 20.38 16.01
CA GLN B 97 10.39 19.06 16.64
C GLN B 97 11.41 18.02 16.10
N VAL B 98 11.66 18.04 14.78
CA VAL B 98 12.61 17.15 14.15
C VAL B 98 14.03 17.43 14.65
N ALA B 99 14.42 18.69 14.67
CA ALA B 99 15.69 19.11 15.28
C ALA B 99 15.82 18.52 16.66
N GLY B 100 14.70 18.49 17.37
CA GLY B 100 14.60 17.87 18.67
C GLY B 100 14.96 16.42 18.66
N LYS B 101 14.43 15.67 17.69
CA LYS B 101 14.63 14.21 17.65
C LYS B 101 16.06 13.90 17.23
N VAL B 102 16.61 14.75 16.38
CA VAL B 102 18.01 14.65 16.07
C VAL B 102 18.84 14.89 17.33
N GLN B 103 18.39 15.82 18.19
CA GLN B 103 19.09 16.07 19.48
C GLN B 103 19.09 14.84 20.40
N GLU B 104 17.96 14.17 20.53
CA GLU B 104 17.98 12.90 21.25
C GLU B 104 19.13 12.02 20.76
N VAL B 105 19.29 11.93 19.44
CA VAL B 105 20.25 10.98 18.88
C VAL B 105 21.66 11.47 19.10
N LEU B 106 21.90 12.74 18.77
CA LEU B 106 23.12 13.44 19.13
C LEU B 106 23.56 13.20 20.59
N LYS B 107 22.61 13.00 21.49
CA LYS B 107 22.95 12.82 22.90
C LYS B 107 23.49 11.41 23.14
N GLU B 108 22.91 10.41 22.49
CA GLU B 108 23.32 9.02 22.69
C GLU B 108 23.71 8.37 21.39
N PRO B 109 24.93 8.71 20.89
CA PRO B 109 25.45 8.17 19.61
C PRO B 109 25.82 6.68 19.59
N ASP B 110 25.65 5.96 20.69
CA ASP B 110 25.88 4.54 20.67
C ASP B 110 24.75 3.90 19.87
N GLY B 111 25.06 3.51 18.63
CA GLY B 111 24.08 2.87 17.77
C GLY B 111 23.06 3.83 17.16
N GLY B 112 23.52 5.06 16.89
CA GLY B 112 22.69 6.11 16.39
C GLY B 112 23.16 6.45 15.01
N LEU B 113 22.25 6.76 14.10
CA LEU B 113 22.59 7.10 12.73
C LEU B 113 21.56 8.07 12.19
N VAL B 114 21.99 9.03 11.40
CA VAL B 114 21.02 9.91 10.75
C VAL B 114 21.19 9.73 9.26
N VAL B 115 20.13 9.32 8.58
CA VAL B 115 20.24 9.03 7.15
C VAL B 115 19.54 10.06 6.28
N LEU B 116 20.21 10.50 5.22
CA LEU B 116 19.67 11.42 4.29
C LEU B 116 19.56 10.72 2.93
N SER B 117 18.34 10.52 2.41
CA SER B 117 18.18 9.64 1.24
C SER B 117 17.36 10.22 0.09
N GLY B 118 17.74 10.00 -1.14
CA GLY B 118 16.92 10.48 -2.22
C GLY B 118 17.39 10.00 -3.54
N GLY B 119 16.58 10.19 -4.59
CA GLY B 119 16.99 9.92 -5.99
C GLY B 119 17.48 11.20 -6.63
N GLY B 120 18.32 11.08 -7.65
CA GLY B 120 18.77 12.23 -8.44
C GLY B 120 19.23 13.37 -7.54
N THR B 121 18.79 14.60 -7.82
CA THR B 121 19.32 15.75 -7.12
C THR B 121 18.97 15.67 -5.64
N SER B 122 17.88 15.00 -5.28
CA SER B 122 17.64 14.87 -3.87
C SER B 122 18.73 14.05 -3.24
N GLY B 123 19.28 13.09 -3.97
CA GLY B 123 20.30 12.23 -3.44
C GLY B 123 21.64 12.96 -3.42
N ARG B 124 21.91 13.75 -4.42
CA ARG B 124 23.08 14.59 -4.46
C ARG B 124 23.12 15.61 -3.30
N MET B 125 21.97 16.20 -2.99
CA MET B 125 21.88 17.16 -1.89
C MET B 125 22.08 16.45 -0.59
N ALA B 126 21.62 15.21 -0.51
CA ALA B 126 21.85 14.40 0.68
C ALA B 126 23.34 14.19 0.92
N PHE B 127 24.09 14.02 -0.16
CA PHE B 127 25.50 13.74 -0.06
C PHE B 127 26.19 14.95 0.55
N LEU B 128 26.04 16.11 -0.07
CA LEU B 128 26.73 17.29 0.42
C LEU B 128 26.45 17.49 1.89
N MET B 129 25.20 17.32 2.30
CA MET B 129 24.83 17.64 3.67
C MET B 129 25.33 16.63 4.63
N SER B 130 25.34 15.37 4.25
CA SER B 130 25.92 14.35 5.14
C SER B 130 27.42 14.66 5.43
N VAL B 131 28.16 15.09 4.41
CA VAL B 131 29.53 15.50 4.54
C VAL B 131 29.63 16.71 5.46
N SER B 132 28.97 17.80 5.13
CA SER B 132 29.03 18.98 5.94
C SER B 132 28.73 18.69 7.40
N PHE B 133 27.73 17.90 7.70
CA PHE B 133 27.45 17.75 9.11
C PHE B 133 28.36 16.76 9.80
N ASN B 134 28.92 15.81 9.04
CA ASN B 134 30.00 14.97 9.60
C ASN B 134 31.30 15.79 9.83
N GLN B 135 31.67 16.73 8.93
CA GLN B 135 32.76 17.69 9.21
C GLN B 135 32.51 18.37 10.60
N LEU B 136 31.29 18.84 10.76
CA LEU B 136 30.92 19.57 11.95
C LEU B 136 31.05 18.78 13.24
N MET B 137 30.67 17.51 13.26
CA MET B 137 30.89 16.69 14.46
C MET B 137 32.38 16.33 14.72
N LYS B 138 33.12 16.13 13.62
CA LYS B 138 34.56 15.89 13.62
C LYS B 138 35.28 17.04 14.34
N GLY B 139 35.05 18.27 13.89
CA GLY B 139 35.51 19.48 14.58
C GLY B 139 35.13 19.71 16.06
N LEU B 140 34.36 18.80 16.65
CA LEU B 140 34.10 18.85 18.08
C LEU B 140 34.45 17.49 18.67
N GLY B 141 35.24 16.69 17.95
CA GLY B 141 35.62 15.35 18.41
C GLY B 141 34.44 14.53 18.91
N GLN B 142 33.48 14.35 18.01
CA GLN B 142 32.36 13.43 18.20
C GLN B 142 32.38 12.49 16.99
N LYS B 143 32.00 11.23 17.23
CA LYS B 143 31.83 10.24 16.16
C LYS B 143 30.77 10.78 15.15
N PRO B 144 31.14 10.94 13.86
CA PRO B 144 30.17 11.36 12.83
C PRO B 144 28.96 10.42 12.80
N LEU B 145 27.75 10.97 12.81
CA LEU B 145 26.56 10.14 12.80
C LEU B 145 25.78 10.12 11.49
N TYR B 146 26.20 10.90 10.49
CA TYR B 146 25.41 11.07 9.30
C TYR B 146 25.88 10.17 8.17
N THR B 147 24.94 9.85 7.30
CA THR B 147 25.24 9.14 6.08
C THR B 147 24.18 9.42 5.08
N TYR B 148 24.42 8.96 3.87
CA TYR B 148 23.53 9.21 2.76
C TYR B 148 23.18 7.94 1.98
N LEU B 149 22.13 8.06 1.19
CA LEU B 149 21.67 7.05 0.26
C LEU B 149 21.20 7.81 -0.98
N ILE B 150 21.74 7.49 -2.13
CA ILE B 150 21.20 7.94 -3.38
C ILE B 150 20.75 6.70 -4.17
N ALA B 151 19.65 6.81 -4.89
CA ALA B 151 19.24 5.73 -5.81
C ALA B 151 20.39 5.41 -6.78
N GLY B 152 20.66 4.11 -6.90
CA GLY B 152 21.71 3.59 -7.74
C GLY B 152 23.07 3.42 -7.07
N GLY B 153 23.18 3.79 -5.80
CA GLY B 153 24.44 3.80 -5.05
C GLY B 153 25.36 4.96 -5.40
N ASP B 154 26.53 4.98 -4.75
CA ASP B 154 27.35 6.20 -4.58
C ASP B 154 27.80 6.81 -5.86
N ARG B 155 27.94 5.99 -6.88
CA ARG B 155 28.29 6.48 -8.22
C ARG B 155 27.19 7.38 -8.83
N SER B 156 25.93 7.22 -8.40
CA SER B 156 24.84 8.12 -8.83
C SER B 156 25.12 9.62 -8.51
N VAL B 157 25.99 9.87 -7.52
CA VAL B 157 26.23 11.21 -7.03
C VAL B 157 26.77 12.13 -8.10
N VAL B 158 27.55 11.60 -9.01
CA VAL B 158 28.12 12.44 -10.08
C VAL B 158 27.81 11.89 -11.49
N ALA B 159 26.75 11.09 -11.62
CA ALA B 159 26.28 10.63 -12.94
C ALA B 159 24.81 10.99 -13.19
N SER B 160 24.41 10.94 -14.46
CA SER B 160 22.99 10.93 -14.84
C SER B 160 22.53 9.46 -14.85
N ARG B 161 21.64 9.11 -13.92
CA ARG B 161 21.12 7.74 -13.77
C ARG B 161 19.66 7.76 -13.26
N GLU B 162 18.78 8.34 -14.09
CA GLU B 162 17.36 8.64 -13.68
C GLU B 162 16.53 7.38 -13.49
N GLY B 163 17.00 6.27 -14.08
CA GLY B 163 16.30 4.98 -14.01
C GLY B 163 16.24 4.32 -12.66
N THR B 164 17.12 4.70 -11.73
CA THR B 164 17.30 3.90 -10.47
C THR B 164 16.32 4.16 -9.33
N GLU B 165 15.49 5.18 -9.50
CA GLU B 165 14.57 5.63 -8.42
C GLU B 165 13.25 4.84 -8.37
N ASP B 166 13.04 3.94 -9.34
CA ASP B 166 11.73 3.31 -9.52
C ASP B 166 11.50 2.10 -8.68
N SER B 167 12.48 1.66 -7.93
CA SER B 167 12.30 0.42 -7.15
C SER B 167 12.24 0.72 -5.71
N ALA B 168 11.13 0.34 -5.07
CA ALA B 168 11.02 0.46 -3.63
C ALA B 168 11.87 -0.53 -2.86
N LEU B 169 12.15 -1.70 -3.42
CA LEU B 169 12.92 -2.73 -2.70
C LEU B 169 14.39 -2.36 -2.73
N HIS B 170 14.87 -1.78 -3.80
CA HIS B 170 16.22 -1.28 -3.80
C HIS B 170 16.46 -0.26 -2.66
N GLY B 171 15.53 0.70 -2.50
CA GLY B 171 15.61 1.66 -1.40
C GLY B 171 15.67 0.96 -0.05
N ILE B 172 14.85 -0.04 0.12
CA ILE B 172 14.78 -0.72 1.40
C ILE B 172 16.05 -1.47 1.70
N GLU B 173 16.66 -2.05 0.68
CA GLU B 173 17.86 -2.87 0.87
C GLU B 173 19.00 -1.95 1.25
N GLU B 174 19.19 -0.87 0.48
CA GLU B 174 20.20 0.14 0.81
C GLU B 174 20.06 0.65 2.22
N LEU B 175 18.84 0.86 2.67
CA LEU B 175 18.60 1.35 4.02
C LEU B 175 19.01 0.26 5.00
N LYS B 176 18.62 -0.99 4.77
CA LYS B 176 18.95 -2.08 5.70
C LYS B 176 20.46 -2.27 5.83
N LYS B 177 21.20 -2.19 4.73
CA LYS B 177 22.64 -2.28 4.77
C LYS B 177 23.23 -1.26 5.71
N VAL B 178 22.97 0.01 5.43
CA VAL B 178 23.48 1.11 6.25
C VAL B 178 23.01 1.05 7.75
N ALA B 179 21.83 0.51 8.00
CA ALA B 179 21.27 0.50 9.36
C ALA B 179 21.42 -0.79 10.19
N ALA B 180 21.96 -1.83 9.60
CA ALA B 180 22.10 -3.13 10.30
C ALA B 180 22.75 -2.94 11.69
N GLY B 181 22.08 -3.44 12.71
CA GLY B 181 22.57 -3.36 14.09
C GLY B 181 22.73 -1.97 14.73
N LYS B 182 22.05 -0.94 14.24
CA LYS B 182 21.97 0.33 14.96
C LYS B 182 20.70 0.21 15.80
N LYS B 183 20.60 0.95 16.88
CA LYS B 183 19.42 0.92 17.77
C LYS B 183 18.47 2.09 17.51
N ARG B 184 19.00 3.24 17.05
CA ARG B 184 18.19 4.40 16.67
C ARG B 184 18.68 5.07 15.41
N VAL B 185 17.79 5.18 14.42
CA VAL B 185 18.11 5.71 13.10
C VAL B 185 17.07 6.73 12.64
N ILE B 186 17.49 7.92 12.32
CA ILE B 186 16.55 8.85 11.76
C ILE B 186 16.75 8.79 10.27
N VAL B 187 15.63 8.60 9.56
CA VAL B 187 15.69 8.48 8.12
C VAL B 187 14.98 9.66 7.49
N ILE B 188 15.77 10.55 6.92
CA ILE B 188 15.24 11.70 6.26
C ILE B 188 15.14 11.37 4.80
N GLY B 189 13.92 11.16 4.32
CA GLY B 189 13.75 10.67 2.96
C GLY B 189 13.26 11.78 2.15
N ILE B 190 13.98 12.11 1.09
CA ILE B 190 13.75 13.35 0.39
C ILE B 190 13.22 13.06 -0.98
N SER B 191 11.98 13.47 -1.25
CA SER B 191 11.53 13.44 -2.64
C SER B 191 10.73 14.68 -2.88
N VAL B 192 11.24 15.53 -3.74
CA VAL B 192 10.66 16.83 -3.97
C VAL B 192 9.22 16.68 -4.37
N GLY B 193 8.95 15.71 -5.24
CA GLY B 193 7.59 15.52 -5.72
C GLY B 193 6.70 14.69 -4.82
N LEU B 194 7.17 14.20 -3.68
CA LEU B 194 6.54 13.07 -2.99
C LEU B 194 6.21 11.99 -4.06
N SER B 195 7.29 11.57 -4.70
CA SER B 195 7.22 10.87 -5.94
C SER B 195 7.99 9.55 -6.00
N ALA B 196 9.16 9.46 -5.36
CA ALA B 196 10.13 8.43 -5.70
C ALA B 196 9.90 7.12 -4.97
N PRO B 197 9.69 6.01 -5.72
CA PRO B 197 9.53 4.69 -5.12
C PRO B 197 10.68 4.34 -4.17
N PHE B 198 11.89 4.74 -4.53
CA PHE B 198 13.07 4.54 -3.68
C PHE B 198 12.80 5.03 -2.27
N VAL B 199 12.23 6.23 -2.12
CA VAL B 199 11.93 6.77 -0.82
C VAL B 199 10.67 6.19 -0.20
N ALA B 200 9.63 6.00 -1.00
CA ALA B 200 8.39 5.42 -0.47
C ALA B 200 8.71 4.13 0.24
N GLY B 201 9.53 3.29 -0.38
CA GLY B 201 9.89 2.03 0.29
C GLY B 201 10.54 2.23 1.66
N GLN B 202 11.56 3.10 1.67
CA GLN B 202 12.27 3.47 2.92
C GLN B 202 11.32 3.93 4.03
N MET B 203 10.41 4.87 3.72
CA MET B 203 9.51 5.42 4.74
C MET B 203 8.58 4.36 5.29
N ASP B 204 8.05 3.50 4.41
CA ASP B 204 7.14 2.41 4.87
C ASP B 204 7.91 1.39 5.78
N CYS B 205 9.10 0.99 5.37
CA CYS B 205 9.94 0.15 6.22
C CYS B 205 10.08 0.75 7.62
N CYS B 206 10.57 2.00 7.69
CA CYS B 206 10.68 2.71 8.95
C CYS B 206 9.40 2.63 9.76
N MET B 207 8.25 2.84 9.15
CA MET B 207 6.99 2.82 9.98
C MET B 207 6.65 1.44 10.52
N ASN B 208 7.11 0.38 9.88
CA ASN B 208 6.87 -0.95 10.41
C ASN B 208 7.85 -1.31 11.55
N ASN B 209 8.85 -0.47 11.84
CA ASN B 209 9.78 -0.74 12.95
C ASN B 209 10.21 0.57 13.65
N THR B 210 9.24 1.21 14.30
CA THR B 210 9.41 2.49 14.98
C THR B 210 10.25 2.39 16.24
N ALA B 211 10.43 1.17 16.75
CA ALA B 211 11.44 0.93 17.80
C ALA B 211 12.84 1.45 17.38
N VAL B 212 13.23 1.22 16.15
CA VAL B 212 14.55 1.63 15.65
C VAL B 212 14.51 2.94 14.83
N PHE B 213 13.46 3.07 14.04
CA PHE B 213 13.41 4.05 12.99
C PHE B 213 12.46 5.19 13.29
N LEU B 214 12.89 6.39 12.95
CA LEU B 214 12.00 7.55 12.92
C LEU B 214 12.09 8.11 11.48
N PRO B 215 11.02 7.97 10.71
CA PRO B 215 11.06 8.47 9.36
C PRO B 215 10.62 9.94 9.27
N VAL B 216 11.25 10.70 8.36
CA VAL B 216 11.00 12.12 8.14
C VAL B 216 10.99 12.34 6.62
N LEU B 217 9.82 12.62 6.08
CA LEU B 217 9.62 12.86 4.66
C LEU B 217 9.75 14.32 4.34
N VAL B 218 10.53 14.63 3.31
CA VAL B 218 10.73 15.96 2.87
C VAL B 218 10.47 16.05 1.41
N GLY B 219 9.61 16.99 1.05
CA GLY B 219 9.33 17.34 -0.35
C GLY B 219 8.43 18.55 -0.28
N PHE B 220 7.84 18.92 -1.41
CA PHE B 220 7.25 20.24 -1.60
C PHE B 220 5.87 20.21 -2.22
N ASN B 221 5.13 19.14 -1.89
CA ASN B 221 3.72 19.03 -2.25
C ASN B 221 2.95 18.75 -1.01
N PRO B 222 1.68 19.20 -0.98
CA PRO B 222 0.80 18.75 0.07
C PRO B 222 0.61 17.26 -0.05
N VAL B 223 0.44 16.63 1.07
CA VAL B 223 0.26 15.20 1.02
C VAL B 223 -0.87 14.74 0.10
N SER B 224 -1.91 15.53 -0.03
CA SER B 224 -3.03 15.20 -0.87
C SER B 224 -2.66 15.12 -2.33
N MET B 225 -1.60 15.79 -2.72
CA MET B 225 -1.11 15.76 -4.09
C MET B 225 0.07 14.77 -4.27
N ALA B 226 0.37 13.94 -3.26
CA ALA B 226 1.49 13.00 -3.36
C ALA B 226 1.18 12.00 -4.47
N ARG B 227 2.23 11.49 -5.10
CA ARG B 227 2.08 10.51 -6.19
C ARG B 227 1.28 9.33 -5.71
N ASN B 228 0.40 8.86 -6.57
CA ASN B 228 -0.54 7.81 -6.18
C ASN B 228 -0.73 6.73 -7.28
N ASP B 229 0.14 6.69 -8.29
CA ASP B 229 0.14 5.63 -9.27
C ASP B 229 0.85 4.43 -8.70
N PRO B 230 0.45 3.22 -9.11
CA PRO B 230 1.01 2.03 -8.46
C PRO B 230 2.51 1.91 -8.72
N ILE B 231 3.25 1.36 -7.73
CA ILE B 231 4.71 1.14 -7.81
C ILE B 231 4.93 -0.31 -8.13
N GLU B 232 5.93 -0.57 -8.96
CA GLU B 232 5.99 -1.83 -9.66
C GLU B 232 6.34 -2.97 -8.74
N ASP B 233 7.22 -2.75 -7.78
CA ASP B 233 7.55 -3.79 -6.79
C ASP B 233 6.99 -3.51 -5.38
N TRP B 234 5.89 -2.78 -5.27
CA TRP B 234 5.41 -2.37 -3.96
C TRP B 234 3.87 -2.25 -4.02
N SER B 235 3.20 -2.52 -2.89
CA SER B 235 1.72 -2.60 -2.88
C SER B 235 1.03 -1.29 -2.57
N SER B 236 1.61 -0.54 -1.63
CA SER B 236 1.10 0.75 -1.26
C SER B 236 1.67 1.77 -2.21
N THR B 237 1.15 2.98 -2.13
CA THR B 237 1.41 4.05 -3.12
C THR B 237 2.14 5.17 -2.35
N PHE B 238 2.81 6.13 -3.01
CA PHE B 238 3.51 7.22 -2.23
C PHE B 238 2.55 8.00 -1.32
N ARG B 239 1.41 8.41 -1.84
CA ARG B 239 0.39 9.07 -1.04
C ARG B 239 -0.08 8.34 0.22
N GLN B 240 -0.19 7.01 0.15
CA GLN B 240 -0.72 6.26 1.27
C GLN B 240 0.33 6.29 2.34
N VAL B 241 1.57 6.11 1.91
CA VAL B 241 2.71 6.13 2.83
C VAL B 241 2.76 7.49 3.53
N ALA B 242 2.72 8.57 2.75
CA ALA B 242 2.75 9.91 3.30
C ALA B 242 1.55 10.19 4.20
N GLU B 243 0.35 9.75 3.82
CA GLU B 243 -0.87 9.95 4.64
C GLU B 243 -0.68 9.23 5.97
N ARG B 244 -0.17 8.00 5.89
CA ARG B 244 0.10 7.27 7.12
C ARG B 244 1.17 7.91 8.02
N MET B 245 2.22 8.51 7.44
CA MET B 245 3.19 9.26 8.24
C MET B 245 2.59 10.51 8.91
N GLN B 246 1.78 11.25 8.17
CA GLN B 246 1.04 12.36 8.77
C GLN B 246 0.16 11.93 9.95
N LYS B 247 -0.54 10.82 9.85
CA LYS B 247 -1.34 10.38 11.00
C LYS B 247 -0.42 10.15 12.23
N MET B 248 0.77 9.57 12.01
CA MET B 248 1.78 9.37 13.07
C MET B 248 2.46 10.61 13.63
N GLN B 249 2.55 11.71 12.86
CA GLN B 249 3.16 12.94 13.36
C GLN B 249 2.56 13.39 14.71
N GLU B 250 1.25 13.17 14.90
CA GLU B 250 0.54 13.52 16.16
C GLU B 250 1.26 12.95 17.36
N LYS B 251 1.60 11.68 17.30
CA LYS B 251 2.39 11.00 18.36
C LYS B 251 3.91 11.15 18.17
N GLN B 252 4.36 11.96 17.21
CA GLN B 252 5.80 12.20 17.00
C GLN B 252 6.67 10.98 16.56
N LYS B 253 6.04 10.11 15.81
CA LYS B 253 6.66 8.88 15.42
C LYS B 253 7.01 8.96 13.93
N ALA B 254 6.51 9.99 13.25
CA ALA B 254 6.98 10.31 11.89
C ALA B 254 6.78 11.79 11.65
N PHE B 255 7.45 12.32 10.62
CA PHE B 255 7.25 13.73 10.26
C PHE B 255 7.17 13.90 8.76
N VAL B 256 6.18 14.68 8.34
CA VAL B 256 6.11 15.14 6.96
C VAL B 256 6.47 16.61 7.01
N LEU B 257 7.45 17.03 6.22
CA LEU B 257 7.93 18.37 6.23
C LEU B 257 7.86 18.86 4.81
N ASN B 258 6.81 19.63 4.52
CA ASN B 258 6.34 19.82 3.14
C ASN B 258 5.76 21.17 2.78
N PRO B 259 6.58 22.21 2.90
CA PRO B 259 6.13 23.53 2.47
C PRO B 259 5.97 23.58 0.95
N ALA B 260 5.02 24.35 0.42
CA ALA B 260 4.94 24.75 -1.02
C ALA B 260 5.95 25.82 -1.35
N ILE B 261 6.63 25.67 -2.47
CA ILE B 261 7.59 26.66 -2.92
C ILE B 261 7.23 27.18 -4.28
N GLY B 262 6.08 26.73 -4.78
CA GLY B 262 5.66 27.05 -6.11
C GLY B 262 6.38 26.21 -7.14
N PRO B 263 5.82 26.14 -8.34
CA PRO B 263 6.38 25.35 -9.43
C PRO B 263 7.68 25.89 -9.97
N GLU B 264 8.36 25.03 -10.73
CA GLU B 264 9.72 25.29 -11.20
C GLU B 264 9.67 26.12 -12.42
N GLY B 265 10.64 27.00 -12.61
CA GLY B 265 10.71 27.83 -13.81
C GLY B 265 10.69 26.99 -15.08
N LEU B 266 11.43 25.88 -15.07
CA LEU B 266 11.33 24.92 -16.16
C LEU B 266 10.57 23.75 -15.52
N SER B 267 9.37 23.45 -16.04
CA SER B 267 8.39 22.66 -15.34
C SER B 267 8.94 21.35 -15.07
N GLY B 268 8.80 20.95 -13.83
CA GLY B 268 9.31 19.66 -13.40
C GLY B 268 10.82 19.67 -13.15
N SER B 269 11.57 20.75 -13.35
CA SER B 269 13.01 20.64 -13.12
C SER B 269 13.27 20.80 -11.64
N SER B 270 12.88 19.77 -10.87
CA SER B 270 13.04 19.74 -9.45
C SER B 270 14.51 19.81 -8.98
N ARG B 271 15.46 19.72 -9.91
CA ARG B 271 16.88 19.92 -9.60
C ARG B 271 17.07 21.38 -9.09
N MET B 272 16.14 22.27 -9.45
CA MET B 272 16.33 23.70 -9.20
C MET B 272 15.80 24.14 -7.81
N LYS B 273 14.62 24.72 -7.75
CA LYS B 273 14.08 25.12 -6.48
C LYS B 273 13.95 24.01 -5.46
N GLY B 274 13.56 22.81 -5.88
CA GLY B 274 13.40 21.72 -4.92
C GLY B 274 14.69 21.28 -4.27
N GLY B 275 15.74 21.26 -5.07
CA GLY B 275 17.09 21.03 -4.53
C GLY B 275 17.60 22.17 -3.64
N SER B 276 17.51 23.45 -4.09
CA SER B 276 17.81 24.61 -3.20
C SER B 276 17.02 24.57 -1.87
N ALA B 277 15.72 24.34 -1.98
CA ALA B 277 14.86 24.32 -0.78
C ALA B 277 15.15 23.15 0.13
N THR B 278 15.62 22.03 -0.44
CA THR B 278 16.05 20.89 0.38
C THR B 278 17.27 21.26 1.26
N LYS B 279 18.26 21.97 0.69
CA LYS B 279 19.43 22.42 1.47
C LYS B 279 18.99 23.38 2.56
N ILE B 280 18.30 24.41 2.11
CA ILE B 280 17.73 25.45 3.00
C ILE B 280 17.01 24.87 4.17
N LEU B 281 16.11 23.94 3.92
CA LEU B 281 15.29 23.37 4.95
C LEU B 281 16.11 22.52 5.92
N LEU B 282 16.93 21.60 5.40
CA LEU B 282 17.57 20.62 6.28
C LEU B 282 18.88 21.13 6.88
N GLU B 283 19.63 21.96 6.15
CA GLU B 283 20.80 22.64 6.74
C GLU B 283 20.34 23.54 7.88
N THR B 284 19.31 24.37 7.64
CA THR B 284 18.73 25.17 8.71
C THR B 284 18.39 24.25 9.91
N LEU B 285 17.68 23.19 9.63
CA LEU B 285 17.13 22.40 10.73
C LEU B 285 18.23 21.70 11.51
N LEU B 286 19.18 21.13 10.79
CA LEU B 286 20.22 20.35 11.44
C LEU B 286 21.30 21.28 12.00
N LEU B 287 21.55 22.43 11.41
CA LEU B 287 22.50 23.33 12.07
C LEU B 287 21.94 23.80 13.45
N ALA B 288 20.67 24.10 13.49
CA ALA B 288 20.02 24.49 14.72
C ALA B 288 20.08 23.38 15.74
N ALA B 289 19.88 22.16 15.26
CA ALA B 289 19.92 21.02 16.17
C ALA B 289 21.25 21.01 16.89
N HIS B 290 22.35 21.21 16.15
CA HIS B 290 23.66 21.08 16.74
C HIS B 290 23.90 22.26 17.69
N LYS B 291 23.81 23.48 17.14
CA LYS B 291 23.97 24.75 17.86
C LYS B 291 23.24 24.82 19.21
N THR B 292 22.06 24.21 19.33
CA THR B 292 21.18 24.43 20.48
C THR B 292 20.87 23.20 21.25
N VAL B 293 21.77 22.25 21.34
CA VAL B 293 21.61 21.18 22.32
C VAL B 293 21.60 21.77 23.73
N ASP B 294 20.76 21.20 24.58
CA ASP B 294 20.65 21.62 25.98
C ASP B 294 20.39 23.14 26.13
N GLN B 295 19.55 23.69 25.26
CA GLN B 295 19.18 25.12 25.36
C GLN B 295 17.69 25.35 25.25
N GLY B 296 16.91 24.26 25.21
CA GLY B 296 15.45 24.36 25.28
C GLY B 296 14.88 24.79 23.96
N ILE B 297 13.61 24.48 23.76
CA ILE B 297 12.96 24.65 22.47
C ILE B 297 13.03 26.09 21.95
N ALA B 298 13.00 27.06 22.87
CA ALA B 298 12.88 28.47 22.49
C ALA B 298 14.13 28.88 21.72
N ALA B 299 15.28 28.55 22.28
CA ALA B 299 16.56 28.81 21.62
C ALA B 299 16.57 28.18 20.19
N SER B 300 16.11 26.93 20.10
CA SER B 300 16.01 26.21 18.81
C SER B 300 15.16 26.98 17.78
N GLN B 301 13.96 27.43 18.19
CA GLN B 301 13.08 28.23 17.33
C GLN B 301 13.71 29.50 16.76
N ARG B 302 14.43 30.23 17.61
CA ARG B 302 15.02 31.50 17.20
C ARG B 302 16.16 31.23 16.25
N CYS B 303 16.92 30.20 16.55
CA CYS B 303 18.03 29.79 15.67
C CYS B 303 17.51 29.40 14.26
N LEU B 304 16.49 28.52 14.21
CA LEU B 304 15.88 28.15 12.92
C LEU B 304 15.63 29.38 12.14
N LEU B 305 15.03 30.36 12.79
CA LEU B 305 14.59 31.57 12.09
C LEU B 305 15.74 32.46 11.64
N GLU B 306 16.77 32.55 12.47
CA GLU B 306 17.93 33.32 12.07
C GLU B 306 18.46 32.74 10.76
N ILE B 307 18.70 31.42 10.75
CA ILE B 307 19.30 30.71 9.58
C ILE B 307 18.47 30.83 8.31
N LEU B 308 17.14 30.69 8.44
CA LEU B 308 16.31 30.85 7.25
C LEU B 308 16.53 32.23 6.64
N ARG B 309 16.54 33.27 7.52
CA ARG B 309 16.58 34.69 7.03
C ARG B 309 17.93 34.95 6.41
N THR B 310 18.98 34.34 6.97
CA THR B 310 20.26 34.36 6.32
C THR B 310 20.17 33.82 4.85
N PHE B 311 19.61 32.62 4.69
CA PHE B 311 19.42 32.06 3.32
C PHE B 311 18.59 32.98 2.49
N GLU B 312 17.63 33.67 3.12
CA GLU B 312 16.85 34.59 2.30
C GLU B 312 17.70 35.80 1.83
N ARG B 313 18.66 36.23 2.62
CA ARG B 313 19.53 37.37 2.20
C ARG B 313 20.42 36.93 1.06
N ALA B 314 20.90 35.68 1.15
CA ALA B 314 21.78 35.04 0.12
C ALA B 314 21.14 35.07 -1.24
N HIS B 315 19.82 34.92 -1.27
CA HIS B 315 19.14 35.09 -2.52
C HIS B 315 19.34 36.48 -3.05
N GLN B 316 18.98 37.52 -2.30
CA GLN B 316 19.16 38.88 -2.89
C GLN B 316 20.63 39.19 -3.01
N VAL B 317 21.48 38.65 -2.17
CA VAL B 317 22.91 38.84 -2.38
C VAL B 317 23.27 38.28 -3.75
N THR B 318 22.87 37.03 -3.97
CA THR B 318 23.21 36.31 -5.20
C THR B 318 22.62 37.03 -6.41
N TYR B 319 21.34 37.37 -6.36
CA TYR B 319 20.72 37.95 -7.53
C TYR B 319 20.98 39.43 -7.71
N SER B 320 21.69 40.06 -6.76
CA SER B 320 22.14 41.45 -6.99
C SER B 320 23.10 41.54 -8.20
N GLN B 321 23.77 40.43 -8.52
CA GLN B 321 24.64 40.32 -9.68
C GLN B 321 23.95 39.90 -10.96
N SER B 322 22.66 40.23 -11.15
CA SER B 322 21.94 39.69 -12.29
C SER B 322 22.51 40.03 -13.67
N PRO B 323 22.95 41.27 -13.90
CA PRO B 323 23.53 41.59 -15.22
C PRO B 323 24.77 40.77 -15.58
N LYS B 324 25.56 40.40 -14.57
CA LYS B 324 26.81 39.66 -14.80
C LYS B 324 26.52 38.17 -14.97
N ILE B 325 25.47 37.71 -14.28
CA ILE B 325 24.92 36.39 -14.48
C ILE B 325 24.33 36.26 -15.90
N ALA B 326 23.71 37.31 -16.43
CA ALA B 326 23.16 37.21 -17.78
C ALA B 326 24.25 37.26 -18.85
N THR B 327 25.29 38.01 -18.56
CA THR B 327 26.45 38.02 -19.43
C THR B 327 27.05 36.61 -19.48
N LEU B 328 27.11 35.91 -18.36
CA LEU B 328 27.75 34.61 -18.40
C LEU B 328 26.87 33.63 -19.21
N MET B 329 25.55 33.71 -19.00
CA MET B 329 24.59 32.90 -19.72
C MET B 329 24.79 33.06 -21.23
N LYS B 330 24.89 34.31 -21.68
CA LYS B 330 25.15 34.60 -23.11
C LYS B 330 26.42 33.90 -23.60
N SER B 331 27.48 33.90 -22.80
CA SER B 331 28.76 33.36 -23.24
C SER B 331 28.63 31.85 -23.33
N VAL B 332 28.16 31.24 -22.25
CA VAL B 332 27.94 29.79 -22.22
C VAL B 332 27.05 29.30 -23.37
N SER B 333 25.97 30.01 -23.66
CA SER B 333 25.07 29.70 -24.77
C SER B 333 25.71 29.85 -26.14
N THR B 334 26.45 30.95 -26.30
CA THR B 334 27.20 31.22 -27.52
C THR B 334 28.14 30.05 -27.82
N SER B 335 28.91 29.63 -26.81
CA SER B 335 29.82 28.49 -26.89
C SER B 335 29.15 27.23 -27.44
N LEU B 336 27.97 26.86 -26.91
CA LEU B 336 27.27 25.61 -27.31
C LEU B 336 26.59 25.76 -28.68
N GLU B 337 26.28 26.99 -29.04
CA GLU B 337 25.69 27.23 -30.34
C GLU B 337 26.69 26.91 -31.42
N LYS B 338 27.96 27.26 -31.19
CA LYS B 338 29.04 26.97 -32.15
C LYS B 338 29.61 25.57 -31.95
N LYS B 339 28.85 24.71 -31.28
CA LYS B 339 29.27 23.33 -31.00
C LYS B 339 30.57 23.16 -30.21
N GLY B 340 30.90 24.20 -29.46
CA GLY B 340 31.96 24.16 -28.47
C GLY B 340 31.52 23.59 -27.14
N HIS B 341 32.32 23.83 -26.12
CA HIS B 341 32.11 23.24 -24.84
C HIS B 341 32.29 24.28 -23.77
N VAL B 342 31.94 23.91 -22.54
CA VAL B 342 31.87 24.80 -21.38
C VAL B 342 32.38 24.07 -20.19
N TYR B 343 33.35 24.67 -19.52
CA TYR B 343 34.06 24.03 -18.41
C TYR B 343 33.77 24.81 -17.12
N LEU B 344 33.26 24.13 -16.11
CA LEU B 344 33.03 24.76 -14.86
C LEU B 344 34.11 24.21 -13.96
N VAL B 345 35.14 25.02 -13.77
CA VAL B 345 36.36 24.59 -13.06
C VAL B 345 36.25 25.20 -11.68
N GLY B 346 36.31 24.34 -10.66
CA GLY B 346 35.91 24.76 -9.34
C GLY B 346 36.72 24.17 -8.21
N TRP B 347 36.73 24.85 -7.07
CA TRP B 347 37.51 24.38 -5.94
C TRP B 347 36.64 23.91 -4.83
N GLN B 348 37.12 22.88 -4.17
CA GLN B 348 36.42 22.38 -3.04
C GLN B 348 34.99 22.03 -3.45
N THR B 349 34.09 22.30 -2.53
CA THR B 349 32.76 21.82 -2.52
C THR B 349 31.96 22.53 -3.60
N LEU B 350 32.51 23.64 -4.06
CA LEU B 350 31.93 24.39 -5.16
C LEU B 350 32.27 23.75 -6.51
N GLY B 351 33.34 22.95 -6.54
CA GLY B 351 33.68 22.19 -7.71
C GLY B 351 32.67 21.07 -7.87
N ILE B 352 32.35 20.43 -6.76
CA ILE B 352 31.34 19.36 -6.70
C ILE B 352 29.97 19.78 -7.23
N ILE B 353 29.47 20.91 -6.75
CA ILE B 353 28.26 21.53 -7.27
C ILE B 353 28.34 21.79 -8.75
N ALA B 354 29.52 22.21 -9.23
CA ALA B 354 29.76 22.48 -10.68
C ALA B 354 29.64 21.20 -11.50
N ILE B 355 30.16 20.12 -10.94
CA ILE B 355 30.05 18.81 -11.50
C ILE B 355 28.62 18.38 -11.55
N MET B 356 27.88 18.67 -10.49
CA MET B 356 26.46 18.30 -10.45
C MET B 356 25.65 19.09 -11.45
N ASP B 357 25.91 20.37 -11.57
CA ASP B 357 25.15 21.12 -12.53
C ASP B 357 25.29 20.52 -13.91
N GLY B 358 26.52 20.21 -14.29
CA GLY B 358 26.86 19.83 -15.67
C GLY B 358 26.31 18.44 -16.00
N VAL B 359 26.42 17.52 -15.07
CA VAL B 359 25.81 16.24 -15.21
C VAL B 359 24.29 16.37 -15.42
N GLU B 360 23.65 17.30 -14.73
CA GLU B 360 22.22 17.36 -14.78
C GLU B 360 21.75 17.84 -16.13
N CYS B 361 22.61 18.54 -16.85
CA CYS B 361 22.25 18.99 -18.17
C CYS B 361 22.03 17.83 -19.12
N ILE B 362 22.72 16.74 -18.87
CA ILE B 362 22.69 15.53 -19.69
C ILE B 362 21.27 15.08 -19.81
N HIS B 363 20.63 14.86 -18.68
CA HIS B 363 19.28 14.34 -18.75
C HIS B 363 18.24 15.43 -18.81
N THR B 364 18.58 16.64 -18.36
CA THR B 364 17.60 17.71 -18.38
C THR B 364 17.42 18.28 -19.78
N PHE B 365 18.50 18.42 -20.55
CA PHE B 365 18.44 19.04 -21.85
C PHE B 365 18.87 18.16 -23.01
N GLY B 366 19.20 16.90 -22.73
CA GLY B 366 19.74 16.05 -23.74
C GLY B 366 21.18 16.38 -24.11
N ALA B 367 21.89 17.05 -23.22
CA ALA B 367 23.20 17.54 -23.59
C ALA B 367 24.19 16.40 -23.55
N ASP B 368 25.22 16.50 -24.39
CA ASP B 368 26.34 15.57 -24.26
C ASP B 368 27.05 15.95 -22.95
N PHE B 369 27.63 14.95 -22.33
CA PHE B 369 28.44 15.11 -21.14
C PHE B 369 29.49 16.23 -21.18
N ARG B 370 30.06 16.55 -22.34
CA ARG B 370 31.11 17.59 -22.39
C ARG B 370 30.55 18.96 -22.73
N ASP B 371 29.23 19.03 -23.00
CA ASP B 371 28.62 20.32 -23.34
C ASP B 371 28.73 21.32 -22.16
N VAL B 372 28.36 20.89 -20.96
CA VAL B 372 28.58 21.67 -19.74
C VAL B 372 29.20 20.78 -18.72
N ARG B 373 30.52 20.89 -18.54
CA ARG B 373 31.19 19.92 -17.71
C ARG B 373 31.87 20.48 -16.45
N GLY B 374 31.84 19.73 -15.36
CA GLY B 374 32.34 20.23 -14.08
C GLY B 374 33.70 19.62 -13.76
N PHE B 375 34.59 20.41 -13.13
CA PHE B 375 35.84 19.86 -12.55
C PHE B 375 36.12 20.30 -11.13
N LEU B 376 36.64 19.36 -10.36
CA LEU B 376 37.15 19.62 -9.03
C LEU B 376 38.67 19.60 -9.09
N ILE B 377 39.29 20.77 -8.95
CA ILE B 377 40.75 20.90 -8.87
C ILE B 377 41.33 20.59 -7.49
N GLY B 378 42.31 19.67 -7.45
CA GLY B 378 43.07 19.34 -6.23
C GLY B 378 42.33 18.50 -5.23
N GLN B 393 35.38 6.92 -11.22
CA GLN B 393 34.87 6.11 -12.32
C GLN B 393 33.92 6.93 -13.23
N GLY B 394 33.69 6.43 -14.45
CA GLY B 394 33.03 7.18 -15.52
C GLY B 394 34.11 8.02 -16.17
N PRO B 395 33.76 9.21 -16.68
CA PRO B 395 34.79 10.21 -17.00
C PRO B 395 35.42 10.80 -15.76
N GLN B 396 36.63 11.30 -15.90
CA GLN B 396 37.32 11.90 -14.76
C GLN B 396 36.68 13.24 -14.36
N PHE B 397 36.48 13.42 -13.05
CA PHE B 397 35.93 14.65 -12.44
C PHE B 397 36.84 15.36 -11.40
N THR B 398 37.69 14.61 -10.68
CA THR B 398 38.73 15.22 -9.82
C THR B 398 40.13 15.29 -10.46
N PHE B 399 40.65 16.51 -10.63
CA PHE B 399 41.91 16.73 -11.29
C PHE B 399 42.93 17.54 -10.45
N SER B 400 44.11 16.96 -10.18
CA SER B 400 45.27 17.77 -9.72
C SER B 400 45.49 18.95 -10.68
N GLN B 401 46.24 19.96 -10.23
CA GLN B 401 46.63 21.10 -11.10
C GLN B 401 47.32 20.64 -12.40
N GLU B 402 48.22 19.67 -12.28
CA GLU B 402 49.07 19.27 -13.38
C GLU B 402 48.23 18.38 -14.31
N ASP B 403 47.52 17.43 -13.70
CA ASP B 403 46.64 16.52 -14.42
C ASP B 403 45.65 17.34 -15.24
N PHE B 404 45.09 18.41 -14.66
CA PHE B 404 44.15 19.22 -15.41
C PHE B 404 44.85 19.92 -16.59
N LEU B 405 45.99 20.55 -16.34
CA LEU B 405 46.75 21.25 -17.43
C LEU B 405 47.34 20.34 -18.54
N THR B 406 47.87 19.20 -18.15
CA THR B 406 48.33 18.20 -19.09
C THR B 406 47.10 17.65 -19.86
N SER B 407 46.13 17.13 -19.11
CA SER B 407 45.13 16.25 -19.65
C SER B 407 43.96 16.97 -20.32
N ILE B 408 43.60 18.17 -19.87
CA ILE B 408 42.42 18.88 -20.35
C ILE B 408 42.73 20.20 -21.06
N LEU B 409 43.73 20.94 -20.65
CA LEU B 409 43.98 22.21 -21.35
C LEU B 409 44.03 22.07 -22.87
N PRO B 410 44.72 21.04 -23.39
CA PRO B 410 44.89 20.89 -24.86
C PRO B 410 43.59 20.87 -25.69
N SER B 411 42.53 20.26 -25.17
CA SER B 411 41.25 20.19 -25.90
C SER B 411 40.60 21.54 -26.13
N LEU B 412 40.95 22.55 -25.34
CA LEU B 412 40.22 23.80 -25.40
C LEU B 412 40.46 24.51 -26.70
N THR B 413 39.46 25.28 -27.13
CA THR B 413 39.40 25.93 -28.40
C THR B 413 39.00 27.37 -28.10
N GLU B 414 39.09 28.27 -29.08
CA GLU B 414 38.81 29.70 -28.87
C GLU B 414 37.32 30.04 -28.75
N ILE B 415 36.45 29.09 -29.09
CA ILE B 415 35.00 29.22 -28.90
C ILE B 415 34.48 28.65 -27.55
N ASP B 416 35.31 27.90 -26.82
CA ASP B 416 34.95 27.39 -25.49
C ASP B 416 34.79 28.48 -24.43
N THR B 417 33.99 28.16 -23.39
CA THR B 417 33.84 28.99 -22.19
C THR B 417 34.34 28.28 -20.94
N VAL B 418 35.11 29.00 -20.13
CA VAL B 418 35.65 28.43 -18.89
C VAL B 418 35.27 29.34 -17.74
N VAL B 419 34.69 28.75 -16.70
CA VAL B 419 34.17 29.49 -15.58
C VAL B 419 34.91 28.92 -14.44
N PHE B 420 35.47 29.83 -13.64
CA PHE B 420 36.27 29.48 -12.50
C PHE B 420 35.46 29.84 -11.29
N ILE B 421 35.43 28.96 -10.32
CA ILE B 421 34.51 29.09 -9.22
C ILE B 421 35.26 28.81 -7.95
N PHE B 422 35.38 29.81 -7.10
CA PHE B 422 36.27 29.71 -5.93
C PHE B 422 35.98 30.84 -4.93
N THR B 423 36.50 30.65 -3.74
CA THR B 423 36.45 31.62 -2.66
C THR B 423 37.85 32.17 -2.55
N LEU B 424 38.01 33.25 -1.80
CA LEU B 424 39.36 33.78 -1.54
C LEU B 424 40.13 33.02 -0.46
N ASP B 425 39.49 32.05 0.19
CA ASP B 425 40.20 31.19 1.13
C ASP B 425 40.76 29.92 0.49
N ASP B 426 40.71 29.83 -0.85
CA ASP B 426 41.34 28.71 -1.56
C ASP B 426 42.79 29.07 -1.93
N ASN B 427 43.55 28.04 -2.28
CA ASN B 427 44.78 28.17 -3.07
C ASN B 427 44.64 29.15 -4.23
N LEU B 428 44.76 30.46 -3.98
CA LEU B 428 44.67 31.46 -5.06
C LEU B 428 45.87 31.47 -5.99
N THR B 429 46.94 30.82 -5.54
CA THR B 429 48.13 30.60 -6.37
C THR B 429 47.76 29.61 -7.50
N GLU B 430 47.33 28.43 -7.05
CA GLU B 430 46.80 27.36 -7.92
C GLU B 430 45.73 27.88 -8.90
N VAL B 431 44.93 28.86 -8.45
CA VAL B 431 43.88 29.41 -9.29
C VAL B 431 44.49 30.23 -10.43
N GLN B 432 45.37 31.16 -10.14
CA GLN B 432 45.98 31.94 -11.23
C GLN B 432 46.84 31.11 -12.20
N THR B 433 47.58 30.13 -11.71
CA THR B 433 48.32 29.26 -12.60
C THR B 433 47.37 28.76 -13.70
N ILE B 434 46.30 28.08 -13.26
CA ILE B 434 45.40 27.40 -14.20
C ILE B 434 44.73 28.37 -15.17
N VAL B 435 44.34 29.55 -14.68
CA VAL B 435 43.65 30.50 -15.54
C VAL B 435 44.63 31.12 -16.49
N GLU B 436 45.84 31.40 -16.02
CA GLU B 436 46.90 31.97 -16.87
C GLU B 436 47.04 31.15 -18.15
N GLN B 437 47.27 29.85 -17.97
CA GLN B 437 47.43 28.99 -19.12
C GLN B 437 46.10 28.87 -19.91
N VAL B 438 44.95 28.78 -19.21
CA VAL B 438 43.65 28.72 -19.92
C VAL B 438 43.42 29.92 -20.81
N LYS B 439 43.77 31.09 -20.31
CA LYS B 439 43.55 32.35 -21.04
C LYS B 439 44.25 32.39 -22.40
N GLU B 440 45.33 31.64 -22.56
CA GLU B 440 46.00 31.62 -23.86
C GLU B 440 45.18 30.92 -24.96
N LYS B 441 44.36 29.93 -24.57
CA LYS B 441 43.57 29.11 -25.50
C LYS B 441 42.16 29.69 -25.83
N THR B 442 41.61 30.52 -24.95
CA THR B 442 40.30 31.19 -25.17
C THR B 442 40.18 32.48 -24.34
N ASN B 443 39.49 33.50 -24.86
CA ASN B 443 39.17 34.73 -24.08
C ASN B 443 37.87 34.66 -23.29
N HIS B 444 37.03 33.67 -23.59
CA HIS B 444 35.72 33.52 -22.95
C HIS B 444 35.89 32.86 -21.59
N ILE B 445 36.45 33.63 -20.66
CA ILE B 445 36.60 33.22 -19.28
C ILE B 445 35.85 34.22 -18.42
N GLN B 446 35.37 33.75 -17.28
CA GLN B 446 34.48 34.53 -16.43
C GLN B 446 34.79 33.87 -15.10
N ALA B 447 34.62 34.58 -13.99
CA ALA B 447 34.86 33.98 -12.65
C ALA B 447 33.71 34.24 -11.67
N LEU B 448 33.59 33.34 -10.68
CA LEU B 448 32.56 33.43 -9.66
C LEU B 448 33.23 33.34 -8.33
N ALA B 449 33.51 34.49 -7.76
CA ALA B 449 34.35 34.54 -6.57
C ALA B 449 33.61 35.01 -5.32
N HIS B 450 33.60 34.17 -4.30
CA HIS B 450 33.04 34.52 -3.03
C HIS B 450 34.12 35.09 -2.11
N SER B 451 33.74 36.06 -1.28
CA SER B 451 34.64 36.83 -0.36
C SER B 451 33.85 37.21 0.88
N THR B 452 34.46 37.20 2.07
CA THR B 452 33.89 38.00 3.20
C THR B 452 34.27 39.46 2.95
N VAL B 453 33.42 40.41 3.33
CA VAL B 453 33.69 41.84 3.06
C VAL B 453 35.07 42.28 3.60
N GLY B 454 35.79 43.06 2.80
CA GLY B 454 37.14 43.47 3.13
C GLY B 454 38.19 42.39 2.99
N GLN B 455 37.95 41.42 2.10
CA GLN B 455 39.03 40.59 1.59
C GLN B 455 39.29 41.19 0.23
N THR B 456 40.48 40.95 -0.34
CA THR B 456 40.87 41.65 -1.55
C THR B 456 41.40 40.69 -2.61
N LEU B 457 41.08 41.00 -3.87
CA LEU B 457 41.39 40.13 -4.99
C LEU B 457 42.76 40.50 -5.55
N PRO B 458 43.77 39.62 -5.34
CA PRO B 458 45.13 39.92 -5.86
C PRO B 458 45.10 40.31 -7.33
N ILE B 459 45.73 41.44 -7.70
CA ILE B 459 45.92 41.81 -9.15
C ILE B 459 46.66 40.64 -9.86
N PRO B 460 46.47 40.51 -11.18
CA PRO B 460 46.31 39.18 -11.81
C PRO B 460 46.50 38.12 -10.73
N LEU B 461 45.42 37.58 -10.16
CA LEU B 461 44.05 37.48 -10.74
C LEU B 461 43.27 38.66 -11.33
N LYS B 462 43.01 39.70 -10.55
CA LYS B 462 42.02 40.70 -10.94
C LYS B 462 42.21 41.27 -12.35
N LYS B 463 43.46 41.31 -12.86
CA LYS B 463 43.68 41.79 -14.25
C LYS B 463 43.13 40.81 -15.26
N LEU B 464 43.41 39.53 -15.02
CA LEU B 464 42.83 38.41 -15.80
C LEU B 464 41.28 38.38 -15.84
N PHE B 465 40.58 38.66 -14.72
CA PHE B 465 39.09 38.75 -14.72
C PHE B 465 38.56 40.17 -14.53
N PRO B 466 38.47 40.96 -15.62
CA PRO B 466 38.09 42.38 -15.42
C PRO B 466 36.71 42.58 -14.75
N SER B 467 35.69 41.86 -15.25
CA SER B 467 34.31 41.96 -14.73
C SER B 467 33.83 40.66 -14.03
N ILE B 468 34.72 40.15 -13.18
CA ILE B 468 34.46 39.04 -12.23
C ILE B 468 33.15 39.18 -11.42
N ILE B 469 32.41 38.06 -11.32
CA ILE B 469 31.19 37.98 -10.52
C ILE B 469 31.61 37.76 -9.08
N SER B 470 31.66 38.84 -8.32
CA SER B 470 32.09 38.81 -6.94
C SER B 470 30.85 38.82 -6.08
N ILE B 471 30.70 37.77 -5.31
CA ILE B 471 29.70 37.68 -4.32
C ILE B 471 30.49 37.93 -3.05
N THR B 472 30.29 39.11 -2.48
CA THR B 472 31.01 39.50 -1.30
C THR B 472 29.94 39.50 -0.20
N TRP B 473 30.22 38.75 0.84
CA TRP B 473 29.31 38.52 1.94
C TRP B 473 29.69 39.38 3.16
N PRO B 474 28.69 39.83 3.92
CA PRO B 474 29.02 40.51 5.17
C PRO B 474 29.59 39.53 6.22
N LEU B 475 30.35 40.06 7.19
CA LEU B 475 30.80 39.29 8.35
C LEU B 475 29.57 38.84 9.10
N LEU B 476 29.72 37.77 9.88
CA LEU B 476 28.62 37.21 10.62
C LEU B 476 29.16 36.31 11.69
N PHE B 477 28.61 36.41 12.88
CA PHE B 477 28.98 35.49 13.93
C PHE B 477 28.88 34.06 13.38
N PHE B 478 29.94 33.27 13.58
CA PHE B 478 29.87 31.82 13.39
C PHE B 478 30.37 31.06 14.62
N GLU B 479 29.64 30.00 15.03
CA GLU B 479 29.93 29.30 16.29
C GLU B 479 31.06 28.27 16.15
N TYR B 480 30.99 27.42 15.12
CA TYR B 480 31.97 26.36 14.88
C TYR B 480 33.08 26.82 13.91
N GLU B 481 34.30 26.25 14.04
CA GLU B 481 35.52 26.70 13.27
C GLU B 481 35.34 26.65 11.75
N GLY B 482 34.80 25.54 11.28
CA GLY B 482 34.51 25.37 9.85
C GLY B 482 33.60 26.42 9.26
N ASN B 483 32.93 27.22 10.09
CA ASN B 483 32.11 28.32 9.57
C ASN B 483 31.13 27.75 8.52
N PHE B 484 30.34 26.79 9.01
CA PHE B 484 29.42 26.02 8.19
C PHE B 484 28.32 26.88 7.58
N ILE B 485 27.78 27.80 8.35
CA ILE B 485 26.83 28.75 7.79
C ILE B 485 27.43 29.49 6.58
N GLN B 486 28.70 29.84 6.60
CA GLN B 486 29.31 30.47 5.40
C GLN B 486 29.39 29.52 4.19
N LYS B 487 29.72 28.28 4.48
CA LYS B 487 29.83 27.23 3.49
C LYS B 487 28.47 27.06 2.83
N PHE B 488 27.43 26.89 3.65
CA PHE B 488 26.08 26.69 3.14
C PHE B 488 25.64 27.85 2.30
N GLN B 489 25.87 29.08 2.74
CA GLN B 489 25.52 30.23 1.87
C GLN B 489 26.19 30.20 0.53
N ARG B 490 27.45 29.84 0.50
CA ARG B 490 28.25 29.85 -0.75
C ARG B 490 27.86 28.73 -1.73
N GLU B 491 27.76 27.51 -1.20
CA GLU B 491 27.18 26.38 -1.93
C GLU B 491 25.84 26.80 -2.56
N LEU B 492 24.97 27.37 -1.72
CA LEU B 492 23.63 27.75 -2.19
C LEU B 492 23.69 28.80 -3.31
N SER B 493 24.49 29.85 -3.07
CA SER B 493 24.70 30.91 -4.07
C SER B 493 25.27 30.38 -5.41
N THR B 494 26.27 29.53 -5.30
CA THR B 494 26.86 28.90 -6.50
C THR B 494 25.79 28.07 -7.24
N LYS B 495 25.08 27.23 -6.48
CA LYS B 495 23.99 26.46 -7.08
C LYS B 495 23.05 27.31 -7.88
N TRP B 496 22.58 28.40 -7.29
CA TRP B 496 21.60 29.26 -8.01
C TRP B 496 22.20 29.79 -9.28
N VAL B 497 23.41 30.28 -9.18
CA VAL B 497 24.09 30.88 -10.35
C VAL B 497 24.17 29.91 -11.53
N LEU B 498 24.77 28.75 -11.27
CA LEU B 498 25.02 27.72 -12.27
C LEU B 498 23.70 27.11 -12.81
N ASN B 499 22.80 26.75 -11.92
CA ASN B 499 21.42 26.38 -12.38
C ASN B 499 20.83 27.45 -13.36
N THR B 500 20.91 28.72 -12.99
CA THR B 500 20.31 29.77 -13.79
C THR B 500 21.00 29.84 -15.14
N VAL B 501 22.33 29.73 -15.12
CA VAL B 501 23.16 29.80 -16.36
C VAL B 501 22.94 28.63 -17.29
N SER B 502 23.00 27.43 -16.74
CA SER B 502 22.81 26.22 -17.54
C SER B 502 21.41 26.14 -18.13
N THR B 503 20.41 26.35 -17.28
CA THR B 503 19.07 26.34 -17.72
C THR B 503 18.86 27.45 -18.75
N GLY B 504 19.21 28.68 -18.39
CA GLY B 504 19.00 29.80 -19.35
C GLY B 504 19.78 29.69 -20.69
N ALA B 505 21.04 29.25 -20.62
CA ALA B 505 21.83 28.94 -21.81
C ALA B 505 21.09 28.00 -22.77
N HIS B 506 20.41 26.99 -22.23
CA HIS B 506 19.70 26.06 -23.09
C HIS B 506 18.39 26.64 -23.60
N VAL B 507 17.74 27.48 -22.81
CA VAL B 507 16.56 28.16 -23.31
C VAL B 507 16.92 29.05 -24.50
N LEU B 508 18.01 29.79 -24.42
CA LEU B 508 18.35 30.76 -25.50
C LEU B 508 18.70 30.01 -26.80
N LEU B 509 19.08 28.74 -26.68
CA LEU B 509 19.25 27.88 -27.86
C LEU B 509 17.98 27.37 -28.52
N GLY B 510 16.80 27.74 -28.04
CA GLY B 510 15.53 27.29 -28.63
C GLY B 510 15.08 25.87 -28.24
N LYS B 511 15.60 25.33 -27.13
CA LYS B 511 15.37 23.93 -26.76
C LYS B 511 14.09 23.70 -25.97
N ILE B 512 13.57 24.78 -25.43
CA ILE B 512 12.49 24.72 -24.48
C ILE B 512 11.26 25.30 -25.16
N LEU B 513 10.15 24.59 -25.05
CA LEU B 513 8.87 24.94 -25.65
C LEU B 513 8.00 25.62 -24.58
N GLN B 514 7.86 26.95 -24.68
CA GLN B 514 7.28 27.78 -23.63
C GLN B 514 8.15 27.72 -22.33
N ASN B 515 7.75 26.90 -21.36
CA ASN B 515 8.60 26.58 -20.22
C ASN B 515 8.63 25.10 -20.01
N HIS B 516 8.51 24.33 -21.10
CA HIS B 516 8.62 22.87 -21.00
C HIS B 516 9.84 22.35 -21.78
N MET B 517 10.51 21.34 -21.25
CA MET B 517 11.40 20.51 -22.06
C MET B 517 10.59 19.37 -22.70
N LEU B 518 10.16 19.56 -23.93
CA LEU B 518 9.32 18.62 -24.63
C LEU B 518 10.07 17.31 -24.96
N ASP B 519 11.24 17.50 -25.54
CA ASP B 519 12.04 16.43 -26.05
C ASP B 519 12.92 15.81 -24.99
N LEU B 520 12.31 15.27 -23.96
CA LEU B 520 13.05 14.70 -22.88
C LEU B 520 13.10 13.20 -23.11
N ARG B 521 14.09 12.59 -22.49
CA ARG B 521 14.34 11.20 -22.60
C ARG B 521 13.56 10.49 -21.51
N ILE B 522 12.79 9.47 -21.88
CA ILE B 522 11.97 8.75 -20.94
C ILE B 522 12.79 7.67 -20.25
N SER B 523 13.25 8.01 -19.03
CA SER B 523 14.17 7.16 -18.32
C SER B 523 13.66 6.68 -16.97
N ASN B 524 12.44 7.06 -16.59
CA ASN B 524 11.77 6.46 -15.45
C ASN B 524 10.27 6.67 -15.56
N SER B 525 9.52 6.06 -14.65
CA SER B 525 8.07 6.17 -14.72
C SER B 525 7.55 7.62 -14.69
N LYS B 526 8.19 8.46 -13.90
CA LYS B 526 7.74 9.82 -13.71
C LYS B 526 7.90 10.54 -15.03
N LEU B 527 8.99 10.32 -15.74
CA LEU B 527 9.20 11.06 -17.00
C LEU B 527 8.25 10.51 -18.07
N PHE B 528 7.91 9.22 -17.96
CA PHE B 528 6.88 8.65 -18.81
C PHE B 528 5.54 9.40 -18.57
N TRP B 529 5.14 9.59 -17.33
CA TRP B 529 3.90 10.33 -17.10
C TRP B 529 3.97 11.78 -17.57
N ARG B 530 5.13 12.43 -17.47
CA ARG B 530 5.23 13.80 -17.92
C ARG B 530 5.15 13.82 -19.45
N ALA B 531 5.82 12.91 -20.13
CA ALA B 531 5.65 12.83 -21.58
C ALA B 531 4.16 12.73 -21.94
N LEU B 532 3.44 11.76 -21.36
CA LEU B 532 2.03 11.58 -21.71
C LEU B 532 1.25 12.86 -21.46
N ALA B 533 1.49 13.47 -20.30
CA ALA B 533 0.79 14.69 -19.92
C ALA B 533 1.05 15.78 -20.94
N MET B 534 2.26 15.82 -21.49
CA MET B 534 2.63 16.86 -22.46
C MET B 534 1.93 16.60 -23.76
N LEU B 535 1.80 15.33 -24.11
CA LEU B 535 1.05 15.03 -25.32
C LEU B 535 -0.40 15.54 -25.20
N GLN B 536 -1.06 15.20 -24.10
CA GLN B 536 -2.41 15.65 -23.83
C GLN B 536 -2.56 17.16 -23.93
N ARG B 537 -1.68 17.90 -23.30
CA ARG B 537 -1.81 19.33 -23.26
C ARG B 537 -1.40 20.02 -24.56
N PHE B 538 -0.34 19.58 -25.18
CA PHE B 538 0.02 20.20 -26.46
C PHE B 538 -0.91 19.76 -27.61
N SER B 539 -1.43 18.53 -27.59
CA SER B 539 -2.29 18.07 -28.68
C SER B 539 -3.74 18.40 -28.42
N GLY B 540 -4.16 18.32 -27.16
CA GLY B 540 -5.54 18.59 -26.80
C GLY B 540 -6.41 17.37 -27.03
N GLN B 541 -5.83 16.31 -27.56
CA GLN B 541 -6.53 15.06 -27.83
C GLN B 541 -6.69 14.12 -26.63
N SER B 542 -7.55 13.13 -26.79
CA SER B 542 -7.95 12.22 -25.70
C SER B 542 -6.76 11.46 -25.12
N LYS B 543 -6.93 10.95 -23.90
CA LYS B 543 -5.87 10.19 -23.29
C LYS B 543 -5.55 8.94 -24.07
N ALA B 544 -6.57 8.27 -24.58
CA ALA B 544 -6.35 7.03 -25.35
C ALA B 544 -5.54 7.23 -26.64
N ARG B 545 -5.73 8.33 -27.35
CA ARG B 545 -4.95 8.60 -28.56
C ARG B 545 -3.55 9.07 -28.17
N CYS B 546 -3.44 9.80 -27.05
CA CYS B 546 -2.14 10.24 -26.56
C CYS B 546 -1.38 9.00 -26.09
N ILE B 547 -2.05 8.09 -25.38
CA ILE B 547 -1.38 6.83 -24.98
C ILE B 547 -0.94 6.02 -26.19
N GLU B 548 -1.82 5.83 -27.17
CA GLU B 548 -1.49 5.00 -28.34
C GLU B 548 -0.37 5.57 -29.18
N SER B 549 -0.41 6.87 -29.40
CA SER B 549 0.69 7.53 -30.07
C SER B 549 2.04 7.38 -29.32
N LEU B 550 2.05 7.60 -28.01
CA LEU B 550 3.26 7.39 -27.20
C LEU B 550 3.80 5.97 -27.32
N LEU B 551 2.95 4.98 -27.08
CA LEU B 551 3.46 3.60 -27.07
C LEU B 551 3.93 3.17 -28.45
N ARG B 552 3.28 3.69 -29.49
CA ARG B 552 3.63 3.39 -30.86
C ARG B 552 4.98 4.00 -31.18
N ALA B 553 5.16 5.28 -30.82
CA ALA B 553 6.44 5.96 -31.03
C ALA B 553 7.55 5.20 -30.30
N ILE B 554 7.26 4.73 -29.09
CA ILE B 554 8.31 4.08 -28.32
C ILE B 554 8.71 2.76 -28.95
N HIS B 555 7.73 1.91 -29.16
CA HIS B 555 8.00 0.55 -29.63
C HIS B 555 8.19 0.33 -31.16
N PHE B 556 7.97 1.38 -31.95
CA PHE B 556 8.17 1.29 -33.37
C PHE B 556 9.52 0.67 -33.59
N PRO B 557 9.67 -0.22 -34.58
CA PRO B 557 8.73 -0.65 -35.59
C PRO B 557 7.77 -1.78 -35.17
N GLN B 558 7.68 -2.08 -33.88
CA GLN B 558 6.71 -3.03 -33.39
C GLN B 558 5.34 -2.41 -33.35
N PRO B 559 4.33 -3.10 -33.93
CA PRO B 559 2.95 -2.61 -33.73
C PRO B 559 2.50 -2.81 -32.29
N LEU B 560 1.49 -2.07 -31.89
CA LEU B 560 0.90 -2.25 -30.58
C LEU B 560 0.21 -3.58 -30.49
N SER B 561 0.52 -4.37 -29.49
CA SER B 561 -0.19 -5.58 -29.22
C SER B 561 -0.87 -5.42 -27.90
N ASP B 562 -1.53 -6.48 -27.46
CA ASP B 562 -2.20 -6.49 -26.19
C ASP B 562 -1.16 -6.55 -25.08
N ASP B 563 -0.12 -7.30 -25.30
CA ASP B 563 0.93 -7.45 -24.31
C ASP B 563 1.59 -6.12 -24.11
N ILE B 564 1.69 -5.32 -25.16
CA ILE B 564 2.41 -4.07 -25.04
C ILE B 564 1.48 -3.09 -24.39
N ARG B 565 0.22 -3.06 -24.78
CA ARG B 565 -0.70 -2.17 -24.08
C ARG B 565 -0.73 -2.42 -22.56
N ALA B 566 -0.56 -3.68 -22.14
CA ALA B 566 -0.74 -4.05 -20.76
C ALA B 566 0.58 -4.25 -19.96
N ALA B 567 1.71 -4.04 -20.61
CA ALA B 567 3.00 -4.21 -20.01
C ALA B 567 3.17 -3.17 -18.90
N PRO B 568 4.06 -3.44 -17.93
CA PRO B 568 4.31 -2.47 -16.88
C PRO B 568 5.11 -1.31 -17.43
N ILE B 569 4.92 -0.11 -16.89
CA ILE B 569 5.64 1.07 -17.37
C ILE B 569 7.15 0.90 -17.55
N SER B 570 7.79 0.15 -16.66
CA SER B 570 9.22 -0.16 -16.91
C SER B 570 9.56 -0.72 -18.27
N CYS B 571 8.60 -1.45 -18.87
CA CYS B 571 8.82 -2.01 -20.21
C CYS B 571 8.93 -0.86 -21.20
N HIS B 572 8.03 0.09 -21.09
CA HIS B 572 8.08 1.24 -22.00
C HIS B 572 9.29 2.09 -21.75
N VAL B 573 9.60 2.25 -20.47
CA VAL B 573 10.80 3.00 -20.11
C VAL B 573 12.09 2.36 -20.65
N GLN B 574 12.29 1.08 -20.40
CA GLN B 574 13.50 0.41 -20.92
C GLN B 574 13.70 0.70 -22.44
N VAL B 575 12.63 0.59 -23.22
CA VAL B 575 12.75 0.75 -24.65
C VAL B 575 12.91 2.23 -25.04
N ALA B 576 12.13 3.11 -24.43
CA ALA B 576 12.22 4.54 -24.70
C ALA B 576 13.55 5.20 -24.31
N HIS B 577 14.17 4.69 -23.25
CA HIS B 577 15.47 5.24 -22.82
C HIS B 577 16.53 5.24 -23.96
N GLU B 578 16.49 4.24 -24.84
CA GLU B 578 17.50 4.06 -25.91
C GLU B 578 17.22 4.91 -27.12
N LYS B 579 16.00 5.43 -27.25
CA LYS B 579 15.62 6.10 -28.52
C LYS B 579 15.70 7.62 -28.47
N GLU B 580 15.63 8.22 -29.64
CA GLU B 580 15.72 9.67 -29.82
C GLU B 580 14.38 10.29 -30.32
N GLN B 581 14.01 11.45 -29.77
CA GLN B 581 12.85 12.21 -30.24
C GLN B 581 11.51 11.43 -30.09
N VAL B 582 11.42 10.49 -29.17
CA VAL B 582 10.20 9.83 -28.91
C VAL B 582 8.99 10.79 -28.79
N ILE B 583 9.10 11.87 -28.02
CA ILE B 583 7.92 12.63 -27.70
C ILE B 583 7.52 13.54 -28.87
N PRO B 584 8.49 14.14 -29.53
CA PRO B 584 8.12 14.91 -30.71
C PRO B 584 7.52 14.06 -31.85
N ILE B 585 7.98 12.83 -32.03
CA ILE B 585 7.40 11.96 -33.02
C ILE B 585 5.98 11.63 -32.64
N ALA B 586 5.78 11.26 -31.38
CA ALA B 586 4.46 10.96 -30.89
C ALA B 586 3.51 12.14 -31.03
N LEU B 587 3.98 13.37 -30.77
CA LEU B 587 3.17 14.58 -30.93
C LEU B 587 2.85 14.94 -32.41
N LEU B 588 3.86 14.87 -33.28
CA LEU B 588 3.66 15.09 -34.70
C LEU B 588 2.64 14.09 -35.20
N SER B 589 2.75 12.85 -34.79
CA SER B 589 1.84 11.84 -35.22
C SER B 589 0.41 12.20 -34.85
N LEU B 590 0.24 12.76 -33.67
CA LEU B 590 -1.05 13.22 -33.17
C LEU B 590 -1.59 14.44 -33.91
N LEU B 591 -0.75 15.46 -34.06
CA LEU B 591 -1.17 16.69 -34.68
C LEU B 591 -1.54 16.47 -36.14
N PHE B 592 -0.72 15.72 -36.88
CA PHE B 592 -1.04 15.38 -38.26
C PHE B 592 -2.02 14.22 -38.44
N ARG B 593 -2.59 13.70 -37.36
CA ARG B 593 -3.47 12.55 -37.49
C ARG B 593 -2.84 11.49 -38.35
N CYS B 594 -1.52 11.37 -38.28
CA CYS B 594 -0.75 10.48 -39.12
C CYS B 594 -0.11 9.32 -38.35
N SER B 595 0.50 8.41 -39.10
CA SER B 595 1.27 7.32 -38.56
C SER B 595 2.71 7.73 -38.17
N ILE B 596 3.33 6.86 -37.38
CA ILE B 596 4.69 7.04 -36.96
C ILE B 596 5.58 7.09 -38.21
N THR B 597 5.38 6.17 -39.17
CA THR B 597 6.19 6.16 -40.39
C THR B 597 6.15 7.56 -41.00
N GLU B 598 4.95 8.10 -41.08
CA GLU B 598 4.74 9.38 -41.70
C GLU B 598 5.39 10.50 -40.89
N ALA B 599 5.40 10.35 -39.57
CA ALA B 599 5.83 11.42 -38.67
C ALA B 599 7.36 11.46 -38.61
N GLN B 600 7.98 10.30 -38.69
CA GLN B 600 9.43 10.16 -38.72
C GLN B 600 10.03 10.84 -39.92
N ALA B 601 9.35 10.69 -41.06
CA ALA B 601 9.79 11.25 -42.32
C ALA B 601 9.58 12.75 -42.31
N HIS B 602 8.47 13.18 -41.70
CA HIS B 602 8.22 14.59 -41.60
C HIS B 602 9.36 15.23 -40.82
N LEU B 603 9.77 14.57 -39.73
CA LEU B 603 10.79 15.11 -38.84
C LEU B 603 12.13 15.18 -39.56
N ALA B 604 12.57 14.02 -40.05
CA ALA B 604 13.85 13.89 -40.73
C ALA B 604 14.03 14.84 -41.93
N ALA B 605 12.92 15.31 -42.49
CA ALA B 605 12.95 16.27 -43.59
C ALA B 605 12.73 17.73 -43.15
N ALA B 606 12.73 17.99 -41.85
CA ALA B 606 12.61 19.39 -41.36
C ALA B 606 14.00 19.95 -40.93
N PRO B 607 14.14 21.28 -40.84
CA PRO B 607 15.46 21.82 -40.49
C PRO B 607 15.97 21.36 -39.11
N SER B 608 15.06 21.34 -38.14
CA SER B 608 15.40 20.98 -36.75
C SER B 608 14.19 20.37 -36.09
N VAL B 609 14.39 19.61 -35.03
CA VAL B 609 13.28 19.13 -34.24
C VAL B 609 12.38 20.27 -33.85
N CYS B 610 12.97 21.37 -33.39
CA CYS B 610 12.23 22.43 -32.71
C CYS B 610 11.36 23.16 -33.70
N GLU B 611 11.85 23.34 -34.93
CA GLU B 611 11.04 23.97 -35.97
C GLU B 611 9.95 23.00 -36.45
N ALA B 612 10.29 21.72 -36.62
CA ALA B 612 9.27 20.71 -36.92
C ALA B 612 8.11 20.79 -35.94
N VAL B 613 8.41 20.92 -34.64
CA VAL B 613 7.37 20.90 -33.61
C VAL B 613 6.63 22.19 -33.52
N ARG B 614 7.37 23.28 -33.65
CA ARG B 614 6.80 24.63 -33.57
C ARG B 614 5.81 24.94 -34.71
N SER B 615 6.11 24.47 -35.93
CA SER B 615 5.24 24.69 -37.11
C SER B 615 3.99 23.88 -37.05
N ALA B 616 4.15 22.62 -36.67
CA ALA B 616 3.02 21.73 -36.42
C ALA B 616 2.06 22.33 -35.39
N LEU B 617 2.58 23.08 -34.43
CA LEU B 617 1.68 23.70 -33.44
C LEU B 617 0.91 24.89 -34.00
N ALA B 618 1.47 25.61 -34.98
CA ALA B 618 0.86 26.88 -35.48
C ALA B 618 -0.34 26.73 -36.44
#